data_7RLK
#
_entry.id   7RLK
#
_cell.length_a   66.516
_cell.length_b   112.152
_cell.length_c   245.281
_cell.angle_alpha   90.000
_cell.angle_beta   90.000
_cell.angle_gamma   90.000
#
_symmetry.space_group_name_H-M   'C 2 2 21'
#
loop_
_entity.id
_entity.type
_entity.pdbx_description
1 polymer Transthyretin
2 non-polymer 'ZINC ION'
3 water water
#
_entity_poly.entity_id   1
_entity_poly.type   'polypeptide(L)'
_entity_poly.pdbx_seq_one_letter_code
;CPLMVKVLDAVRGRPAVNVDVKVFKKTEEQTWELFAAGKTNDNGEIHELTTDDKFGEGLYKVEFDTISYWKALGVSPFHE
YADVVFTANDAGHRHYTIAALLSPYSFSTTAIVSNPT
;
_entity_poly.pdbx_strand_id   A,B,C,D,E,F
#
# COMPACT_ATOMS: atom_id res chain seq x y z
N CYS A 1 -20.68 14.50 -8.16
CA CYS A 1 -19.63 15.58 -8.37
C CYS A 1 -18.44 15.10 -9.21
N PRO A 2 -18.40 15.45 -10.53
CA PRO A 2 -17.49 14.82 -11.47
C PRO A 2 -16.08 15.40 -11.54
N LEU A 3 -15.80 16.52 -10.85
CA LEU A 3 -14.45 17.09 -10.83
C LEU A 3 -14.15 17.62 -9.43
N MET A 4 -13.26 16.93 -8.69
CA MET A 4 -12.87 17.28 -7.32
C MET A 4 -11.39 17.51 -7.28
N VAL A 5 -10.94 18.27 -6.28
CA VAL A 5 -9.53 18.40 -6.00
C VAL A 5 -9.29 18.13 -4.53
N LYS A 6 -8.08 17.69 -4.21
CA LYS A 6 -7.66 17.42 -2.85
C LYS A 6 -6.22 17.96 -2.84
N VAL A 7 -5.93 18.92 -1.97
CA VAL A 7 -4.61 19.53 -1.90
C VAL A 7 -4.02 19.35 -0.51
N LEU A 8 -2.81 18.79 -0.46
CA LEU A 8 -2.07 18.56 0.79
C LEU A 8 -0.79 19.34 0.78
N ASP A 9 -0.39 19.82 1.98
CA ASP A 9 0.82 20.61 2.23
C ASP A 9 1.81 19.65 2.93
N ALA A 10 2.93 19.36 2.23
CA ALA A 10 3.91 18.40 2.68
C ALA A 10 4.85 18.96 3.71
N VAL A 11 4.84 20.28 3.89
CA VAL A 11 5.60 20.90 4.94
C VAL A 11 4.96 20.76 6.32
N ARG A 12 3.64 20.92 6.39
CA ARG A 12 2.89 20.96 7.68
C ARG A 12 2.16 19.65 7.92
N GLY A 13 2.02 18.80 6.92
CA GLY A 13 1.26 17.57 7.12
C GLY A 13 -0.21 17.84 7.40
N ARG A 14 -0.78 18.78 6.66
CA ARG A 14 -2.17 19.27 6.80
C ARG A 14 -2.73 19.45 5.41
N PRO A 15 -4.06 19.37 5.23
CA PRO A 15 -4.69 19.80 4.00
C PRO A 15 -4.30 21.27 3.76
N ALA A 16 -4.08 21.67 2.50
CA ALA A 16 -3.83 23.05 2.16
C ALA A 16 -5.13 23.82 2.03
N VAL A 17 -5.37 24.75 2.94
CA VAL A 17 -6.60 25.53 3.03
C VAL A 17 -6.39 26.83 2.30
N ASN A 18 -7.47 27.35 1.71
CA ASN A 18 -7.44 28.58 0.93
C ASN A 18 -6.47 28.63 -0.21
N VAL A 19 -6.47 27.56 -0.99
CA VAL A 19 -5.67 27.57 -2.24
C VAL A 19 -6.69 27.94 -3.32
N ASP A 20 -6.47 29.05 -4.01
CA ASP A 20 -7.38 29.47 -5.10
C ASP A 20 -7.22 28.48 -6.25
N VAL A 21 -8.34 27.95 -6.74
CA VAL A 21 -8.29 26.96 -7.85
C VAL A 21 -9.19 27.43 -9.00
N LYS A 22 -8.63 27.60 -10.19
CA LYS A 22 -9.40 27.91 -11.38
C LYS A 22 -9.38 26.73 -12.31
N VAL A 23 -10.53 26.46 -12.94
CA VAL A 23 -10.62 25.47 -13.98
C VAL A 23 -10.91 26.19 -15.27
N PHE A 24 -10.10 25.91 -16.29
CA PHE A 24 -10.34 26.44 -17.63
C PHE A 24 -10.73 25.33 -18.60
N LYS A 25 -11.37 25.73 -19.70
CA LYS A 25 -11.69 24.83 -20.77
C LYS A 25 -11.26 25.41 -22.07
N LYS A 26 -10.66 24.57 -22.92
CA LYS A 26 -10.17 24.99 -24.22
C LYS A 26 -11.32 25.20 -25.14
N THR A 27 -11.23 26.25 -25.95
CA THR A 27 -12.29 26.63 -26.90
C THR A 27 -11.89 26.32 -28.32
N GLU A 28 -12.84 26.47 -29.25
CA GLU A 28 -12.57 26.31 -30.67
C GLU A 28 -11.49 27.33 -31.15
N GLU A 29 -11.42 28.52 -30.53
CA GLU A 29 -10.45 29.54 -30.88
C GLU A 29 -9.08 29.26 -30.32
N GLN A 30 -8.91 28.09 -29.67
CA GLN A 30 -7.61 27.66 -29.12
C GLN A 30 -7.14 28.53 -27.94
N THR A 31 -8.09 28.96 -27.11
CA THR A 31 -7.81 29.77 -25.94
C THR A 31 -8.42 29.11 -24.75
N TRP A 32 -7.92 29.46 -23.57
CA TRP A 32 -8.45 28.95 -22.31
C TRP A 32 -9.53 29.86 -21.76
N GLU A 33 -10.75 29.35 -21.62
CA GLU A 33 -11.85 30.14 -21.08
C GLU A 33 -12.17 29.64 -19.67
N LEU A 34 -12.35 30.56 -18.72
CA LEU A 34 -12.60 30.23 -17.32
C LEU A 34 -13.92 29.43 -17.21
N PHE A 35 -13.86 28.27 -16.56
CA PHE A 35 -14.97 27.35 -16.51
C PHE A 35 -15.58 27.24 -15.10
N ALA A 36 -14.72 27.33 -14.07
CA ALA A 36 -15.07 27.13 -12.69
C ALA A 36 -13.95 27.66 -11.81
N ALA A 37 -14.25 27.85 -10.53
CA ALA A 37 -13.35 28.47 -9.59
C ALA A 37 -13.76 28.16 -8.18
N GLY A 38 -12.78 28.15 -7.28
CA GLY A 38 -13.06 27.99 -5.87
C GLY A 38 -11.84 28.13 -5.02
N LYS A 39 -12.02 27.91 -3.73
CA LYS A 39 -10.97 27.94 -2.75
C LYS A 39 -11.07 26.66 -1.96
N THR A 40 -9.94 25.99 -1.74
CA THR A 40 -9.95 24.79 -0.92
C THR A 40 -10.44 25.12 0.50
N ASN A 41 -11.30 24.24 1.00
CA ASN A 41 -11.81 24.30 2.36
C ASN A 41 -10.81 23.74 3.38
N ASP A 42 -11.26 23.54 4.61
CA ASP A 42 -10.49 23.03 5.73
C ASP A 42 -9.83 21.67 5.48
N ASN A 43 -10.39 20.89 4.55
CA ASN A 43 -9.87 19.59 4.14
C ASN A 43 -9.13 19.61 2.83
N GLY A 44 -8.82 20.81 2.34
CA GLY A 44 -8.09 20.94 1.10
C GLY A 44 -8.88 20.48 -0.11
N GLU A 45 -10.21 20.47 -0.01
CA GLU A 45 -11.09 20.03 -1.08
C GLU A 45 -11.92 21.17 -1.60
N ILE A 46 -12.35 21.06 -2.84
CA ILE A 46 -13.31 22.09 -3.36
C ILE A 46 -14.66 21.41 -3.59
N HIS A 47 -15.66 21.81 -2.81
CA HIS A 47 -17.04 21.28 -2.98
C HIS A 47 -17.64 21.93 -4.23
N GLU A 48 -18.54 21.24 -4.92
CA GLU A 48 -19.18 21.76 -6.16
C GLU A 48 -18.20 21.73 -7.33
N LEU A 49 -17.69 22.89 -7.73
CA LEU A 49 -16.80 23.02 -8.92
C LEU A 49 -17.68 22.95 -10.18
N THR A 50 -18.18 21.77 -10.54
CA THR A 50 -19.10 21.72 -11.69
C THR A 50 -20.11 20.60 -11.45
N THR A 51 -20.83 20.21 -12.52
CA THR A 51 -21.93 19.24 -12.45
C THR A 51 -21.88 18.32 -13.66
N ASP A 52 -22.42 17.11 -13.54
CA ASP A 52 -22.44 16.17 -14.66
C ASP A 52 -22.99 16.85 -15.95
N ASP A 53 -24.05 17.65 -15.80
CA ASP A 53 -24.65 18.39 -16.93
C ASP A 53 -23.77 19.42 -17.62
N LYS A 54 -23.18 20.33 -16.82
CA LYS A 54 -22.41 21.46 -17.37
C LYS A 54 -20.98 21.06 -17.73
N PHE A 55 -20.56 19.85 -17.37
CA PHE A 55 -19.18 19.39 -17.64
C PHE A 55 -19.03 19.07 -19.11
N GLY A 56 -18.78 17.81 -19.42
CA GLY A 56 -18.77 17.46 -20.85
C GLY A 56 -17.41 17.17 -21.42
N GLU A 57 -17.37 16.79 -22.69
CA GLU A 57 -16.14 16.42 -23.34
C GLU A 57 -15.33 17.68 -23.58
N GLY A 58 -14.00 17.56 -23.51
CA GLY A 58 -13.12 18.64 -23.89
C GLY A 58 -11.81 18.55 -23.13
N LEU A 59 -10.99 19.57 -23.35
CA LEU A 59 -9.69 19.74 -22.77
C LEU A 59 -9.77 20.79 -21.66
N TYR A 60 -9.40 20.37 -20.45
CA TYR A 60 -9.52 21.20 -19.22
C TYR A 60 -8.14 21.42 -18.59
N LYS A 61 -8.01 22.54 -17.89
CA LYS A 61 -6.84 22.91 -17.15
C LYS A 61 -7.28 23.30 -15.77
N VAL A 62 -6.79 22.58 -14.75
CA VAL A 62 -7.01 22.89 -13.36
C VAL A 62 -5.78 23.54 -12.81
N GLU A 63 -5.90 24.79 -12.35
CA GLU A 63 -4.77 25.55 -11.85
C GLU A 63 -4.87 25.87 -10.38
N PHE A 64 -3.84 25.48 -9.63
CA PHE A 64 -3.72 25.81 -8.22
C PHE A 64 -2.80 26.99 -8.04
N ASP A 65 -3.25 28.00 -7.32
CA ASP A 65 -2.42 29.18 -7.06
C ASP A 65 -1.48 28.93 -5.86
N THR A 66 -0.37 28.25 -6.14
CA THR A 66 0.55 27.81 -5.13
C THR A 66 1.37 28.96 -4.58
N ILE A 67 1.74 29.92 -5.43
CA ILE A 67 2.57 31.02 -4.98
C ILE A 67 1.89 31.86 -3.88
N SER A 68 0.59 32.12 -4.01
CA SER A 68 -0.13 32.87 -2.98
C SER A 68 -0.25 32.07 -1.72
N TYR A 69 -0.46 30.76 -1.86
CA TYR A 69 -0.60 29.86 -0.70
C TYR A 69 0.65 30.01 0.16
N TRP A 70 1.83 29.81 -0.45
CA TRP A 70 3.08 29.80 0.26
C TRP A 70 3.47 31.19 0.79
N LYS A 71 3.36 32.19 -0.07
CA LYS A 71 3.72 33.54 0.31
C LYS A 71 2.97 33.98 1.57
N ALA A 72 1.67 33.66 1.65
CA ALA A 72 0.84 33.96 2.80
C ALA A 72 1.31 33.28 4.08
N LEU A 73 2.10 32.20 3.96
CA LEU A 73 2.67 31.52 5.10
C LEU A 73 4.12 31.93 5.31
N GLY A 74 4.53 33.02 4.64
CA GLY A 74 5.88 33.54 4.73
C GLY A 74 6.92 32.68 4.05
N VAL A 75 6.52 31.86 3.09
CA VAL A 75 7.46 31.04 2.37
C VAL A 75 7.57 31.57 0.96
N SER A 76 8.79 31.48 0.45
CA SER A 76 9.14 31.95 -0.85
C SER A 76 9.28 30.71 -1.73
N PRO A 77 8.26 30.42 -2.58
CA PRO A 77 8.26 29.18 -3.34
C PRO A 77 8.91 29.38 -4.70
N PHE A 78 9.01 28.30 -5.46
CA PHE A 78 9.59 28.35 -6.78
C PHE A 78 8.59 28.61 -7.88
N HIS A 79 7.48 27.85 -7.90
CA HIS A 79 6.54 27.82 -8.99
C HIS A 79 5.59 28.97 -8.89
N GLU A 80 5.19 29.51 -10.06
CA GLU A 80 4.10 30.49 -10.10
C GLU A 80 2.79 29.86 -9.67
N TYR A 81 2.55 28.66 -10.18
CA TYR A 81 1.32 27.88 -9.91
C TYR A 81 1.56 26.43 -10.28
N ALA A 82 0.56 25.57 -10.07
CA ALA A 82 0.60 24.20 -10.55
C ALA A 82 -0.65 23.90 -11.39
N ASP A 83 -0.44 23.50 -12.65
CA ASP A 83 -1.47 23.15 -13.64
C ASP A 83 -1.63 21.66 -13.73
N VAL A 84 -2.84 21.23 -14.04
CA VAL A 84 -3.09 19.90 -14.56
C VAL A 84 -3.92 20.08 -15.80
N VAL A 85 -3.39 19.63 -16.93
CA VAL A 85 -4.13 19.65 -18.18
C VAL A 85 -4.46 18.23 -18.67
N PHE A 86 -5.71 18.01 -19.06
CA PHE A 86 -6.17 16.70 -19.46
C PHE A 86 -7.42 16.80 -20.27
N THR A 87 -7.62 15.77 -21.12
CA THR A 87 -8.85 15.60 -21.87
C THR A 87 -9.79 14.81 -21.00
N ALA A 88 -11.06 15.19 -20.96
CA ALA A 88 -12.05 14.58 -20.11
C ALA A 88 -13.28 14.18 -20.88
N ASN A 89 -13.85 13.04 -20.48
CA ASN A 89 -15.15 12.55 -20.93
C ASN A 89 -15.25 12.28 -22.43
N ASP A 90 -14.21 11.64 -22.97
CA ASP A 90 -14.11 11.33 -24.39
C ASP A 90 -14.28 9.84 -24.71
N ALA A 91 -14.31 9.00 -23.66
CA ALA A 91 -14.38 7.55 -23.80
C ALA A 91 -15.36 7.07 -22.73
N GLY A 92 -16.48 7.80 -22.59
CA GLY A 92 -17.44 7.51 -21.55
C GLY A 92 -17.25 8.34 -20.29
N HIS A 93 -18.36 8.40 -19.55
CA HIS A 93 -18.53 9.30 -18.44
C HIS A 93 -17.68 8.81 -17.28
N ARG A 94 -16.81 9.71 -16.79
CA ARG A 94 -15.92 9.46 -15.62
C ARG A 94 -16.10 10.58 -14.58
N HIS A 95 -15.65 10.29 -13.36
CA HIS A 95 -15.38 11.29 -12.32
C HIS A 95 -13.89 11.37 -12.13
N TYR A 96 -13.41 12.58 -11.90
CA TYR A 96 -11.97 12.91 -11.80
C TYR A 96 -11.75 13.57 -10.45
N THR A 97 -10.79 13.03 -9.70
CA THR A 97 -10.24 13.71 -8.54
C THR A 97 -8.79 14.03 -8.87
N ILE A 98 -8.42 15.30 -8.76
CA ILE A 98 -7.04 15.74 -8.93
C ILE A 98 -6.45 15.96 -7.56
N ALA A 99 -5.47 15.12 -7.17
CA ALA A 99 -4.75 15.28 -5.90
C ALA A 99 -3.45 16.01 -6.15
N ALA A 100 -3.15 17.01 -5.33
CA ALA A 100 -1.90 17.74 -5.47
C ALA A 100 -1.20 17.75 -4.13
N LEU A 101 0.11 17.44 -4.16
CA LEU A 101 0.89 17.48 -2.94
C LEU A 101 1.89 18.62 -3.11
N LEU A 102 1.86 19.59 -2.20
CA LEU A 102 2.64 20.83 -2.34
C LEU A 102 3.82 20.89 -1.40
N SER A 103 4.98 21.21 -1.97
CA SER A 103 6.17 21.65 -1.24
C SER A 103 6.62 22.95 -1.91
N PRO A 104 7.40 23.81 -1.23
CA PRO A 104 7.80 25.08 -1.81
C PRO A 104 8.49 24.97 -3.18
N TYR A 105 9.33 23.95 -3.36
CA TYR A 105 10.14 23.76 -4.58
C TYR A 105 9.76 22.46 -5.28
N SER A 106 8.59 21.89 -4.99
CA SER A 106 8.22 20.67 -5.60
C SER A 106 6.73 20.49 -5.61
N PHE A 107 6.23 19.83 -6.64
CA PHE A 107 4.84 19.46 -6.63
C PHE A 107 4.57 18.20 -7.34
N SER A 108 3.54 17.53 -6.85
CA SER A 108 3.10 16.34 -7.51
C SER A 108 1.60 16.46 -7.76
N THR A 109 1.17 15.87 -8.86
CA THR A 109 -0.24 15.80 -9.11
C THR A 109 -0.64 14.44 -9.66
N THR A 110 -1.71 13.89 -9.10
CA THR A 110 -2.17 12.54 -9.41
C THR A 110 -3.65 12.57 -9.65
N ALA A 111 -4.08 11.85 -10.66
CA ALA A 111 -5.49 11.76 -11.00
C ALA A 111 -6.04 10.41 -10.58
N ILE A 112 -7.20 10.44 -9.91
CA ILE A 112 -8.01 9.27 -9.58
C ILE A 112 -9.27 9.33 -10.41
N VAL A 113 -9.49 8.30 -11.22
CA VAL A 113 -10.54 8.35 -12.22
C VAL A 113 -11.42 7.17 -11.94
N SER A 114 -12.72 7.43 -11.75
CA SER A 114 -13.73 6.41 -11.41
C SER A 114 -14.88 6.40 -12.36
N ASN A 115 -15.70 5.36 -12.22
CA ASN A 115 -16.79 5.05 -13.12
C ASN A 115 -18.19 4.99 -12.47
N CYS B 1 25.67 25.89 -18.34
CA CYS B 1 24.28 25.56 -18.79
C CYS B 1 23.20 25.88 -17.76
N PRO B 2 22.48 27.01 -17.90
CA PRO B 2 21.67 27.56 -16.81
C PRO B 2 20.24 27.02 -16.68
N LEU B 3 19.78 26.21 -17.63
CA LEU B 3 18.47 25.58 -17.56
C LEU B 3 18.56 24.14 -18.06
N MET B 4 18.40 23.18 -17.14
CA MET B 4 18.49 21.75 -17.44
C MET B 4 17.19 21.11 -17.05
N VAL B 5 16.92 19.94 -17.62
CA VAL B 5 15.87 19.07 -17.24
C VAL B 5 16.44 17.69 -17.02
N LYS B 6 15.81 16.95 -16.12
CA LYS B 6 16.16 15.59 -15.83
C LYS B 6 14.81 14.89 -15.73
N VAL B 7 14.53 13.89 -16.57
CA VAL B 7 13.22 13.23 -16.60
C VAL B 7 13.41 11.76 -16.34
N LEU B 8 12.66 11.23 -15.36
CA LEU B 8 12.72 9.85 -14.94
C LEU B 8 11.37 9.21 -15.14
N ASP B 9 11.38 7.90 -15.46
CA ASP B 9 10.20 7.07 -15.67
C ASP B 9 10.08 6.15 -14.47
N ALA B 10 9.03 6.32 -13.68
CA ALA B 10 8.80 5.61 -12.44
C ALA B 10 8.26 4.24 -12.63
N VAL B 11 7.80 3.93 -13.85
CA VAL B 11 7.40 2.58 -14.18
C VAL B 11 8.62 1.69 -14.44
N ARG B 12 9.63 2.20 -15.15
CA ARG B 12 10.79 1.38 -15.62
C ARG B 12 12.00 1.53 -14.67
N GLY B 13 12.03 2.61 -13.87
CA GLY B 13 13.21 2.93 -13.12
C GLY B 13 14.40 3.23 -13.98
N ARG B 14 14.16 3.99 -15.05
CA ARG B 14 15.16 4.43 -16.06
C ARG B 14 14.90 5.90 -16.35
N PRO B 15 15.91 6.64 -16.82
CA PRO B 15 15.68 7.96 -17.39
C PRO B 15 14.68 7.84 -18.55
N ALA B 16 13.80 8.81 -18.71
CA ALA B 16 12.79 8.85 -19.76
C ALA B 16 13.41 9.47 -21.00
N VAL B 17 13.58 8.64 -22.05
CA VAL B 17 14.20 9.05 -23.28
C VAL B 17 13.16 9.53 -24.28
N ASN B 18 13.56 10.47 -25.13
CA ASN B 18 12.69 11.08 -26.13
C ASN B 18 11.42 11.70 -25.64
N VAL B 19 11.55 12.50 -24.60
CA VAL B 19 10.39 13.30 -24.12
C VAL B 19 10.58 14.66 -24.78
N ASP B 20 9.58 15.10 -25.54
CA ASP B 20 9.64 16.42 -26.19
C ASP B 20 9.56 17.49 -25.11
N VAL B 21 10.53 18.39 -25.08
CA VAL B 21 10.54 19.49 -24.09
C VAL B 21 10.62 20.85 -24.77
N LYS B 22 9.62 21.71 -24.58
CA LYS B 22 9.61 23.07 -25.06
C LYS B 22 9.74 24.00 -23.87
N VAL B 23 10.55 25.04 -24.02
CA VAL B 23 10.62 26.10 -23.06
C VAL B 23 10.06 27.36 -23.70
N PHE B 24 9.11 27.99 -23.01
CA PHE B 24 8.56 29.27 -23.45
C PHE B 24 8.95 30.38 -22.48
N LYS B 25 8.89 31.62 -22.98
CA LYS B 25 9.12 32.80 -22.20
C LYS B 25 8.00 33.78 -22.40
N LYS B 26 7.53 34.39 -21.31
CA LYS B 26 6.40 35.32 -21.35
C LYS B 26 6.87 36.62 -21.93
N THR B 27 6.04 37.24 -22.78
CA THR B 27 6.34 38.49 -23.43
C THR B 27 5.50 39.62 -22.89
N GLU B 28 5.84 40.86 -23.34
CA GLU B 28 5.07 42.05 -22.98
C GLU B 28 3.64 41.97 -23.52
N GLU B 29 3.41 41.24 -24.61
CA GLU B 29 2.06 41.04 -25.20
C GLU B 29 1.26 40.02 -24.42
N GLN B 30 1.81 39.53 -23.31
CA GLN B 30 1.11 38.57 -22.42
C GLN B 30 0.90 37.20 -23.07
N THR B 31 1.86 36.75 -23.91
CA THR B 31 1.78 35.50 -24.60
C THR B 31 3.03 34.73 -24.29
N TRP B 32 2.95 33.41 -24.50
CA TRP B 32 4.11 32.54 -24.37
C TRP B 32 4.83 32.39 -25.69
N GLU B 33 6.09 32.83 -25.78
CA GLU B 33 6.86 32.72 -26.99
C GLU B 33 7.91 31.61 -26.83
N LEU B 34 8.01 30.72 -27.84
CA LEU B 34 8.89 29.57 -27.80
C LEU B 34 10.33 30.03 -27.70
N PHE B 35 11.06 29.51 -26.71
CA PHE B 35 12.39 30.03 -26.36
C PHE B 35 13.48 28.99 -26.61
N ALA B 36 13.14 27.70 -26.45
CA ALA B 36 14.07 26.58 -26.58
C ALA B 36 13.25 25.31 -26.70
N ALA B 37 13.90 24.26 -27.23
CA ALA B 37 13.23 22.98 -27.47
C ALA B 37 14.21 21.88 -27.62
N GLY B 38 13.81 20.66 -27.25
CA GLY B 38 14.66 19.51 -27.39
C GLY B 38 13.96 18.22 -27.09
N LYS B 39 14.71 17.13 -27.11
CA LYS B 39 14.24 15.82 -26.74
C LYS B 39 15.22 15.24 -25.74
N THR B 40 14.71 14.64 -24.68
CA THR B 40 15.59 14.02 -23.70
C THR B 40 16.42 12.92 -24.31
N ASN B 41 17.72 12.89 -23.95
CA ASN B 41 18.64 11.85 -24.33
C ASN B 41 18.49 10.61 -23.46
N ASP B 42 19.43 9.67 -23.60
CA ASP B 42 19.48 8.41 -22.86
C ASP B 42 19.51 8.54 -21.36
N ASN B 43 19.94 9.71 -20.85
CA ASN B 43 19.94 10.04 -19.43
C ASN B 43 18.80 10.90 -18.99
N GLY B 44 17.81 11.09 -19.88
CA GLY B 44 16.66 11.90 -19.58
C GLY B 44 16.99 13.36 -19.43
N GLU B 45 18.09 13.82 -20.01
CA GLU B 45 18.55 15.20 -19.93
C GLU B 45 18.51 15.86 -21.28
N ILE B 46 18.28 17.18 -21.30
CA ILE B 46 18.54 17.93 -22.51
C ILE B 46 19.76 18.81 -22.28
N HIS B 47 20.64 18.74 -23.29
CA HIS B 47 22.04 19.08 -23.23
C HIS B 47 22.14 20.27 -24.14
N GLU B 48 22.32 21.46 -23.54
CA GLU B 48 22.36 22.79 -24.16
C GLU B 48 20.97 23.28 -24.57
N LEU B 49 20.11 23.49 -23.60
CA LEU B 49 18.75 23.95 -23.83
C LEU B 49 18.78 25.47 -24.08
N THR B 50 19.57 26.21 -23.30
CA THR B 50 19.88 27.61 -23.60
C THR B 50 21.30 27.97 -23.11
N THR B 51 21.61 29.26 -22.95
CA THR B 51 22.94 29.77 -22.64
C THR B 51 22.83 30.97 -21.67
N ASP B 52 23.84 31.19 -20.80
CA ASP B 52 23.78 32.31 -19.86
C ASP B 52 23.40 33.64 -20.56
N ASP B 53 23.96 33.89 -21.76
CA ASP B 53 23.63 35.07 -22.56
C ASP B 53 22.19 35.23 -23.02
N LYS B 54 21.61 34.17 -23.57
CA LYS B 54 20.23 34.23 -24.06
C LYS B 54 19.15 34.14 -22.95
N PHE B 55 19.53 33.66 -21.76
CA PHE B 55 18.62 33.35 -20.64
C PHE B 55 18.57 34.45 -19.57
N GLY B 56 17.70 35.44 -19.78
CA GLY B 56 17.62 36.59 -18.91
C GLY B 56 16.52 36.44 -17.89
N GLU B 57 16.27 37.51 -17.13
CA GLU B 57 15.23 37.54 -16.12
C GLU B 57 13.89 37.42 -16.85
N GLY B 58 12.92 36.77 -16.22
CA GLY B 58 11.57 36.77 -16.69
C GLY B 58 10.81 35.56 -16.28
N LEU B 59 9.71 35.28 -16.97
CA LEU B 59 8.79 34.23 -16.61
C LEU B 59 8.90 33.15 -17.67
N TYR B 60 9.22 31.92 -17.23
CA TYR B 60 9.46 30.77 -18.13
C TYR B 60 8.48 29.64 -17.85
N LYS B 61 8.20 28.87 -18.91
CA LYS B 61 7.35 27.69 -18.84
C LYS B 61 8.10 26.59 -19.53
N VAL B 62 8.39 25.52 -18.80
CA VAL B 62 8.96 24.28 -19.33
C VAL B 62 7.84 23.28 -19.51
N GLU B 63 7.62 22.83 -20.74
CA GLU B 63 6.58 21.87 -21.09
C GLU B 63 7.12 20.52 -21.51
N PHE B 64 6.70 19.47 -20.81
CA PHE B 64 7.02 18.10 -21.19
C PHE B 64 5.85 17.48 -21.92
N ASP B 65 6.10 16.92 -23.09
CA ASP B 65 5.02 16.25 -23.85
C ASP B 65 4.87 14.80 -23.40
N THR B 66 4.16 14.62 -22.30
CA THR B 66 4.07 13.33 -21.62
C THR B 66 3.12 12.40 -22.36
N ILE B 67 2.08 12.95 -22.99
CA ILE B 67 1.13 12.08 -23.68
C ILE B 67 1.76 11.32 -24.85
N SER B 68 2.65 11.98 -25.62
CA SER B 68 3.39 11.29 -26.66
C SER B 68 4.33 10.28 -26.12
N TYR B 69 4.99 10.60 -25.02
CA TYR B 69 5.98 9.69 -24.38
C TYR B 69 5.28 8.36 -24.11
N TRP B 70 4.15 8.42 -23.40
CA TRP B 70 3.45 7.24 -22.96
C TRP B 70 2.77 6.51 -24.10
N LYS B 71 2.06 7.24 -24.95
CA LYS B 71 1.36 6.63 -26.07
C LYS B 71 2.31 5.79 -26.93
N ALA B 72 3.51 6.32 -27.17
CA ALA B 72 4.56 5.60 -27.90
C ALA B 72 5.01 4.32 -27.24
N LEU B 73 4.78 4.19 -25.91
CA LEU B 73 5.07 2.98 -25.19
C LEU B 73 3.83 2.14 -24.98
N GLY B 74 2.77 2.46 -25.73
CA GLY B 74 1.51 1.76 -25.63
C GLY B 74 0.73 1.99 -24.36
N VAL B 75 0.99 3.09 -23.67
CA VAL B 75 0.24 3.44 -22.47
C VAL B 75 -0.66 4.61 -22.77
N SER B 76 -1.85 4.57 -22.19
CA SER B 76 -2.83 5.60 -22.35
C SER B 76 -2.88 6.43 -21.08
N PRO B 77 -2.16 7.57 -21.01
CA PRO B 77 -1.93 8.28 -19.75
C PRO B 77 -3.02 9.31 -19.46
N PHE B 78 -2.91 10.01 -18.35
CA PHE B 78 -3.87 11.02 -17.96
C PHE B 78 -3.59 12.41 -18.50
N HIS B 79 -2.36 12.92 -18.33
CA HIS B 79 -2.08 14.35 -18.65
C HIS B 79 -1.85 14.53 -20.12
N GLU B 80 -2.35 15.63 -20.70
CA GLU B 80 -1.98 16.01 -22.07
C GLU B 80 -0.51 16.33 -22.13
N TYR B 81 -0.07 17.11 -21.16
CA TYR B 81 1.35 17.48 -20.96
C TYR B 81 1.53 17.94 -19.52
N ALA B 82 2.75 18.27 -19.15
CA ALA B 82 3.08 18.74 -17.82
C ALA B 82 3.93 20.02 -17.95
N ASP B 83 3.43 21.13 -17.39
CA ASP B 83 4.06 22.47 -17.43
C ASP B 83 4.74 22.72 -16.11
N VAL B 84 5.88 23.39 -16.13
CA VAL B 84 6.47 23.97 -14.95
C VAL B 84 6.70 25.44 -15.25
N VAL B 85 6.03 26.31 -14.49
CA VAL B 85 6.10 27.73 -14.68
C VAL B 85 6.76 28.40 -13.46
N PHE B 86 7.71 29.30 -13.74
CA PHE B 86 8.44 29.97 -12.70
C PHE B 86 9.05 31.25 -13.20
N THR B 87 9.36 32.14 -12.26
CA THR B 87 10.03 33.42 -12.60
C THR B 87 11.52 33.29 -12.31
N ALA B 88 12.38 33.52 -13.30
CA ALA B 88 13.84 33.53 -13.05
C ALA B 88 14.24 34.98 -12.75
N ASN B 89 14.70 35.28 -11.54
CA ASN B 89 15.11 36.66 -11.17
C ASN B 89 16.64 36.69 -11.11
N ASP B 90 17.28 35.68 -11.68
CA ASP B 90 18.76 35.51 -11.63
C ASP B 90 19.49 36.85 -11.79
N HIS B 93 24.06 35.16 -10.26
CA HIS B 93 23.34 34.43 -11.32
C HIS B 93 23.10 32.92 -10.96
N ARG B 94 21.95 32.37 -11.33
CA ARG B 94 21.51 31.03 -10.85
C ARG B 94 21.25 30.07 -12.00
N HIS B 95 21.45 28.78 -11.69
CA HIS B 95 21.20 27.69 -12.62
C HIS B 95 20.02 26.92 -12.07
N TYR B 96 19.17 26.47 -12.97
CA TYR B 96 17.87 25.81 -12.66
C TYR B 96 17.87 24.42 -13.32
N THR B 97 17.62 23.39 -12.53
CA THR B 97 17.33 22.08 -13.03
C THR B 97 15.88 21.78 -12.70
N ILE B 98 15.08 21.41 -13.70
CA ILE B 98 13.71 20.95 -13.51
C ILE B 98 13.72 19.45 -13.62
N ALA B 99 13.45 18.76 -12.49
CA ALA B 99 13.39 17.28 -12.47
C ALA B 99 11.94 16.88 -12.55
N ALA B 100 11.61 15.94 -13.43
CA ALA B 100 10.27 15.42 -13.51
C ALA B 100 10.28 13.93 -13.40
N LEU B 101 9.39 13.37 -12.56
CA LEU B 101 9.17 11.94 -12.42
C LEU B 101 7.85 11.62 -13.08
N LEU B 102 7.87 10.72 -14.05
CA LEU B 102 6.66 10.37 -14.86
C LEU B 102 6.09 9.03 -14.48
N SER B 103 4.78 9.03 -14.19
CA SER B 103 3.95 7.84 -14.14
C SER B 103 2.73 8.13 -15.01
N PRO B 104 2.02 7.11 -15.51
CA PRO B 104 0.87 7.35 -16.40
C PRO B 104 -0.18 8.32 -15.84
N TYR B 105 -0.46 8.23 -14.54
CA TYR B 105 -1.51 9.06 -13.90
C TYR B 105 -0.93 9.99 -12.83
N SER B 106 0.38 10.19 -12.83
CA SER B 106 0.99 11.04 -11.85
C SER B 106 2.22 11.69 -12.41
N PHE B 107 2.41 12.93 -12.01
CA PHE B 107 3.54 13.69 -12.45
C PHE B 107 4.08 14.46 -11.26
N SER B 108 5.39 14.40 -11.12
CA SER B 108 6.00 14.98 -9.95
C SER B 108 7.15 15.84 -10.42
N THR B 109 7.29 17.02 -9.82
CA THR B 109 8.34 17.89 -10.27
C THR B 109 9.06 18.57 -9.16
N THR B 110 10.38 18.63 -9.28
CA THR B 110 11.23 19.34 -8.33
C THR B 110 12.15 20.29 -9.04
N ALA B 111 12.33 21.47 -8.45
CA ALA B 111 13.33 22.41 -8.92
C ALA B 111 14.55 22.40 -8.05
N ILE B 112 15.72 22.30 -8.68
CA ILE B 112 17.03 22.42 -8.01
C ILE B 112 17.68 23.71 -8.49
N VAL B 113 18.00 24.61 -7.58
CA VAL B 113 18.59 25.89 -7.93
C VAL B 113 19.95 25.94 -7.29
N SER B 114 20.96 26.25 -8.12
CA SER B 114 22.38 26.37 -7.68
C SER B 114 22.95 27.70 -8.04
N ASN B 115 24.18 27.94 -7.57
CA ASN B 115 25.01 29.11 -7.98
C ASN B 115 26.22 28.87 -8.91
N CYS C 1 -11.40 7.18 14.63
CA CYS C 1 -10.36 6.24 13.99
C CYS C 1 -9.00 6.91 13.81
N PRO C 2 -8.03 6.65 14.72
CA PRO C 2 -6.83 7.48 14.86
C PRO C 2 -5.68 7.14 13.92
N LEU C 3 -5.76 6.04 13.17
CA LEU C 3 -4.72 5.66 12.22
C LEU C 3 -5.34 5.13 10.94
N MET C 4 -5.26 5.93 9.87
CA MET C 4 -5.83 5.59 8.57
C MET C 4 -4.74 5.52 7.54
N VAL C 5 -4.97 4.78 6.46
CA VAL C 5 -4.09 4.77 5.33
C VAL C 5 -4.92 5.00 4.08
N LYS C 6 -4.30 5.57 3.06
CA LYS C 6 -4.93 5.85 1.80
C LYS C 6 -3.85 5.50 0.79
N VAL C 7 -4.08 4.53 -0.09
CA VAL C 7 -3.06 4.09 -1.04
C VAL C 7 -3.58 4.25 -2.46
N LEU C 8 -2.81 4.95 -3.28
CA LEU C 8 -3.14 5.19 -4.69
C LEU C 8 -2.09 4.54 -5.58
N ASP C 9 -2.55 4.09 -6.76
CA ASP C 9 -1.72 3.47 -7.79
C ASP C 9 -1.57 4.50 -8.94
N ALA C 10 -0.33 4.96 -9.13
CA ALA C 10 0.00 6.01 -10.09
C ALA C 10 0.07 5.52 -11.51
N VAL C 11 0.12 4.19 -11.69
CA VAL C 11 0.03 3.60 -13.01
C VAL C 11 -1.40 3.59 -13.55
N ARG C 12 -2.37 3.24 -12.71
CA ARG C 12 -3.78 2.99 -13.12
C ARG C 12 -4.69 4.20 -12.85
N GLY C 13 -4.26 5.13 -12.00
CA GLY C 13 -5.10 6.22 -11.60
C GLY C 13 -6.32 5.76 -10.84
N ARG C 14 -6.12 4.81 -9.93
CA ARG C 14 -7.18 4.15 -9.14
C ARG C 14 -6.62 3.99 -7.74
N PRO C 15 -7.50 3.95 -6.69
CA PRO C 15 -7.06 3.52 -5.38
C PRO C 15 -6.46 2.11 -5.49
N ALA C 16 -5.40 1.82 -4.74
CA ALA C 16 -4.76 0.50 -4.77
C ALA C 16 -5.48 -0.44 -3.83
N VAL C 17 -6.15 -1.45 -4.40
CA VAL C 17 -6.99 -2.39 -3.68
C VAL C 17 -6.18 -3.61 -3.31
N ASN C 18 -6.51 -4.22 -2.17
CA ASN C 18 -5.79 -5.39 -1.63
C ASN C 18 -4.31 -5.25 -1.46
N VAL C 19 -3.91 -4.16 -0.81
CA VAL C 19 -2.48 -4.02 -0.41
C VAL C 19 -2.46 -4.45 1.06
N ASP C 20 -1.63 -5.44 1.37
CA ASP C 20 -1.51 -5.89 2.78
C ASP C 20 -0.81 -4.80 3.58
N VAL C 21 -1.43 -4.40 4.69
CA VAL C 21 -0.80 -3.37 5.57
C VAL C 21 -0.66 -3.93 6.99
N LYS C 22 0.57 -4.03 7.47
CA LYS C 22 0.86 -4.41 8.84
C LYS C 22 1.35 -3.18 9.59
N VAL C 23 0.92 -3.04 10.84
CA VAL C 23 1.37 -2.01 11.69
C VAL C 23 2.10 -2.65 12.85
N PHE C 24 3.33 -2.20 13.10
CA PHE C 24 4.12 -2.65 14.22
C PHE C 24 4.33 -1.54 15.24
N LYS C 25 4.64 -1.94 16.47
CA LYS C 25 4.99 -1.00 17.53
C LYS C 25 6.25 -1.43 18.21
N LYS C 26 7.13 -0.47 18.48
CA LYS C 26 8.41 -0.75 19.11
C LYS C 26 8.20 -1.02 20.58
N THR C 27 8.94 -1.98 21.10
CA THR C 27 8.86 -2.43 22.49
C THR C 27 10.07 -1.96 23.28
N GLU C 28 10.02 -2.14 24.60
CA GLU C 28 11.15 -1.87 25.49
C GLU C 28 12.43 -2.61 25.06
N GLU C 29 12.25 -3.82 24.54
CA GLU C 29 13.35 -4.70 24.15
C GLU C 29 13.92 -4.30 22.80
N GLN C 30 13.44 -3.18 22.22
CA GLN C 30 13.92 -2.66 20.96
C GLN C 30 13.63 -3.56 19.76
N THR C 31 12.45 -4.18 19.76
CA THR C 31 12.00 -5.03 18.68
C THR C 31 10.65 -4.51 18.22
N TRP C 32 10.27 -4.90 17.00
CA TRP C 32 8.99 -4.58 16.45
C TRP C 32 7.96 -5.64 16.74
N GLU C 33 6.90 -5.29 17.45
CA GLU C 33 5.83 -6.24 17.73
C GLU C 33 4.60 -5.87 16.89
N LEU C 34 3.98 -6.89 16.28
CA LEU C 34 2.82 -6.71 15.40
C LEU C 34 1.66 -6.12 16.17
N PHE C 35 1.09 -5.03 15.67
CA PHE C 35 0.08 -4.26 16.41
C PHE C 35 -1.29 -4.31 15.76
N ALA C 36 -1.32 -4.37 14.42
CA ALA C 36 -2.54 -4.31 13.61
C ALA C 36 -2.21 -4.74 12.19
N ALA C 37 -3.26 -5.10 11.45
CA ALA C 37 -3.12 -5.57 10.09
C ALA C 37 -4.41 -5.46 9.32
N GLY C 38 -4.31 -5.28 8.01
CA GLY C 38 -5.47 -5.15 7.17
C GLY C 38 -5.13 -5.20 5.70
N LYS C 39 -6.17 -5.06 4.87
CA LYS C 39 -6.03 -5.01 3.43
C LYS C 39 -6.80 -3.81 2.95
N THR C 40 -6.21 -3.01 2.06
CA THR C 40 -6.94 -1.87 1.52
C THR C 40 -8.19 -2.33 0.77
N ASN C 41 -9.29 -1.61 1.01
CA ASN C 41 -10.55 -1.80 0.31
C ASN C 41 -10.53 -1.14 -1.10
N ASP C 42 -11.71 -1.06 -1.71
CA ASP C 42 -11.97 -0.47 -3.02
C ASP C 42 -11.51 0.98 -3.17
N ASN C 43 -11.39 1.70 -2.06
CA ASN C 43 -10.89 3.08 -2.01
C ASN C 43 -9.48 3.21 -1.55
N GLY C 44 -8.78 2.09 -1.46
CA GLY C 44 -7.41 2.12 -1.01
C GLY C 44 -7.26 2.50 0.44
N GLU C 45 -8.32 2.32 1.24
CA GLU C 45 -8.32 2.69 2.64
C GLU C 45 -8.44 1.48 3.52
N ILE C 46 -7.82 1.57 4.71
CA ILE C 46 -8.15 0.64 5.75
C ILE C 46 -8.88 1.41 6.83
N HIS C 47 -10.01 0.77 7.21
CA HIS C 47 -11.15 1.28 7.87
C HIS C 47 -11.11 0.50 9.17
N GLU C 48 -10.70 1.17 10.25
CA GLU C 48 -10.60 0.66 11.62
C GLU C 48 -9.38 -0.22 11.83
N LEU C 49 -8.21 0.38 11.70
CA LEU C 49 -6.95 -0.32 11.85
C LEU C 49 -6.64 -0.48 13.33
N THR C 50 -6.91 0.57 14.13
CA THR C 50 -6.85 0.47 15.60
C THR C 50 -7.92 1.41 16.20
N THR C 51 -7.77 1.77 17.49
CA THR C 51 -8.77 2.50 18.26
C THR C 51 -8.05 3.48 19.20
N ASP C 52 -8.70 4.59 19.56
CA ASP C 52 -8.10 5.58 20.44
C ASP C 52 -7.54 4.90 21.72
N ASP C 53 -8.27 3.93 22.28
CA ASP C 53 -7.82 3.24 23.49
C ASP C 53 -6.54 2.39 23.36
N LYS C 54 -6.44 1.61 22.29
CA LYS C 54 -5.28 0.75 22.07
C LYS C 54 -4.03 1.49 21.53
N PHE C 55 -4.24 2.67 20.94
CA PHE C 55 -3.22 3.42 20.20
C PHE C 55 -2.57 4.56 21.03
N GLY C 56 -1.55 4.19 21.79
CA GLY C 56 -0.93 5.08 22.71
C GLY C 56 0.33 5.65 22.16
N GLU C 57 1.10 6.29 23.04
CA GLU C 57 2.37 6.88 22.72
C GLU C 57 3.31 5.77 22.32
N GLY C 58 4.20 6.08 21.36
CA GLY C 58 5.26 5.18 21.01
C GLY C 58 5.68 5.36 19.58
N LEU C 59 6.58 4.47 19.17
CA LEU C 59 7.17 4.42 17.86
C LEU C 59 6.50 3.29 17.05
N TYR C 60 5.92 3.66 15.92
CA TYR C 60 5.12 2.75 15.06
C TYR C 60 5.75 2.65 13.66
N LYS C 61 5.50 1.52 13.00
CA LYS C 61 5.91 1.25 11.67
C LYS C 61 4.71 0.70 10.92
N VAL C 62 4.32 1.40 9.85
CA VAL C 62 3.28 0.98 8.94
C VAL C 62 3.93 0.43 7.69
N GLU C 63 3.68 -0.84 7.39
CA GLU C 63 4.30 -1.51 6.24
C GLU C 63 3.32 -1.91 5.17
N PHE C 64 3.56 -1.43 3.96
CA PHE C 64 2.74 -1.78 2.80
C PHE C 64 3.44 -2.86 1.99
N ASP C 65 2.75 -3.97 1.72
CA ASP C 65 3.35 -5.07 0.95
C ASP C 65 3.23 -4.78 -0.56
N THR C 66 4.15 -3.96 -1.07
CA THR C 66 4.05 -3.46 -2.42
C THR C 66 4.44 -4.52 -3.45
N ILE C 67 5.39 -5.39 -3.09
CA ILE C 67 5.83 -6.40 -4.04
C ILE C 67 4.72 -7.38 -4.43
N SER C 68 3.87 -7.80 -3.46
CA SER C 68 2.75 -8.65 -3.77
C SER C 68 1.71 -7.92 -4.60
N TYR C 69 1.50 -6.64 -4.29
CA TYR C 69 0.50 -5.82 -5.00
C TYR C 69 0.85 -5.84 -6.49
N TRP C 70 2.10 -5.49 -6.82
CA TRP C 70 2.55 -5.38 -8.19
C TRP C 70 2.63 -6.73 -8.90
N LYS C 71 3.24 -7.71 -8.25
CA LYS C 71 3.38 -9.04 -8.87
C LYS C 71 2.01 -9.58 -9.32
N ALA C 72 0.98 -9.39 -8.48
CA ALA C 72 -0.39 -9.79 -8.80
C ALA C 72 -0.96 -9.05 -10.01
N LEU C 73 -0.40 -7.90 -10.38
CA LEU C 73 -0.77 -7.19 -11.59
C LEU C 73 0.19 -7.47 -12.74
N GLY C 74 1.02 -8.47 -12.57
CA GLY C 74 2.01 -8.85 -13.56
C GLY C 74 3.16 -7.90 -13.70
N VAL C 75 3.42 -7.07 -12.69
CA VAL C 75 4.54 -6.15 -12.72
C VAL C 75 5.61 -6.64 -11.77
N SER C 76 6.86 -6.42 -12.17
CA SER C 76 8.01 -6.81 -11.41
C SER C 76 8.62 -5.54 -10.83
N PRO C 77 8.30 -5.19 -9.57
CA PRO C 77 8.64 -3.87 -9.03
C PRO C 77 10.03 -3.84 -8.37
N PHE C 78 10.44 -2.70 -7.84
CA PHE C 78 11.75 -2.55 -7.24
C PHE C 78 11.80 -2.89 -5.74
N HIS C 79 10.88 -2.33 -4.95
CA HIS C 79 10.94 -2.40 -3.49
C HIS C 79 10.36 -3.70 -3.01
N GLU C 80 10.95 -4.30 -1.96
CA GLU C 80 10.33 -5.44 -1.28
C GLU C 80 9.04 -5.05 -0.64
N TYR C 81 9.06 -3.90 0.02
CA TYR C 81 7.88 -3.28 0.68
C TYR C 81 8.19 -1.80 0.91
N ALA C 82 7.24 -1.05 1.47
CA ALA C 82 7.42 0.33 1.78
C ALA C 82 6.92 0.58 3.25
N ASP C 83 7.80 1.11 4.09
CA ASP C 83 7.61 1.33 5.53
C ASP C 83 7.40 2.82 5.75
N VAL C 84 6.63 3.14 6.77
CA VAL C 84 6.58 4.47 7.32
C VAL C 84 6.78 4.30 8.82
N VAL C 85 7.87 4.91 9.33
CA VAL C 85 8.17 4.89 10.71
C VAL C 85 8.03 6.28 11.35
N PHE C 86 7.33 6.35 12.49
CA PHE C 86 7.08 7.61 13.13
C PHE C 86 6.71 7.43 14.57
N THR C 87 6.99 8.46 15.38
CA THR C 87 6.60 8.54 16.76
C THR C 87 5.24 9.17 16.79
N ALA C 88 4.34 8.64 17.63
CA ALA C 88 2.95 9.06 17.68
C ALA C 88 2.53 9.32 19.08
N ASN C 89 1.68 10.34 19.22
CA ASN C 89 0.94 10.66 20.45
C ASN C 89 1.83 11.01 21.63
N ASP C 90 2.89 11.80 21.37
CA ASP C 90 3.86 12.19 22.40
C ASP C 90 3.76 13.68 22.79
N ALA C 91 2.92 14.42 22.07
CA ALA C 91 2.71 15.86 22.27
C ALA C 91 1.20 16.10 22.29
N GLY C 92 0.44 15.17 22.88
CA GLY C 92 -1.00 15.23 22.84
C GLY C 92 -1.61 14.41 21.73
N HIS C 93 -2.92 14.18 21.90
CA HIS C 93 -3.66 13.21 21.13
C HIS C 93 -3.86 13.74 19.71
N ARG C 94 -3.44 12.94 18.73
CA ARG C 94 -3.58 13.28 17.28
C ARG C 94 -4.26 12.11 16.53
N HIS C 95 -4.77 12.40 15.34
CA HIS C 95 -5.13 11.38 14.35
C HIS C 95 -4.18 11.49 13.18
N TYR C 96 -3.81 10.34 12.63
CA TYR C 96 -2.75 10.18 11.61
C TYR C 96 -3.34 9.48 10.41
N THR C 97 -3.19 10.08 9.23
CA THR C 97 -3.49 9.44 7.98
C THR C 97 -2.16 9.32 7.24
N ILE C 98 -1.81 8.10 6.83
CA ILE C 98 -0.62 7.82 6.04
C ILE C 98 -1.08 7.59 4.59
N ALA C 99 -0.71 8.51 3.70
CA ALA C 99 -1.03 8.41 2.25
C ALA C 99 0.21 7.83 1.55
N ALA C 100 0.01 6.82 0.71
CA ALA C 100 1.07 6.32 -0.11
C ALA C 100 0.68 6.34 -1.58
N LEU C 101 1.61 6.79 -2.42
CA LEU C 101 1.44 6.74 -3.88
C LEU C 101 2.40 5.70 -4.41
N LEU C 102 1.88 4.70 -5.13
CA LEU C 102 2.70 3.60 -5.65
C LEU C 102 2.97 3.66 -7.15
N SER C 103 4.25 3.58 -7.51
CA SER C 103 4.70 3.24 -8.85
C SER C 103 5.65 2.05 -8.75
N PRO C 104 5.87 1.28 -9.82
CA PRO C 104 6.76 0.12 -9.76
C PRO C 104 8.16 0.41 -9.19
N TYR C 105 8.74 1.56 -9.53
CA TYR C 105 10.11 1.93 -9.12
C TYR C 105 10.13 3.17 -8.24
N SER C 106 8.98 3.54 -7.68
CA SER C 106 8.90 4.74 -6.90
C SER C 106 7.82 4.66 -5.88
N PHE C 107 8.09 5.22 -4.71
CA PHE C 107 7.03 5.33 -3.74
C PHE C 107 7.12 6.61 -2.97
N SER C 108 5.96 7.12 -2.65
CA SER C 108 5.88 8.39 -2.02
C SER C 108 4.97 8.26 -0.83
N THR C 109 5.32 8.90 0.26
CA THR C 109 4.45 8.87 1.41
C THR C 109 4.28 10.22 2.10
N THR C 110 3.05 10.51 2.49
CA THR C 110 2.69 11.76 3.15
C THR C 110 1.85 11.46 4.38
N ALA C 111 2.13 12.20 5.46
CA ALA C 111 1.32 12.14 6.65
C ALA C 111 0.44 13.37 6.76
N ILE C 112 -0.85 13.15 7.03
CA ILE C 112 -1.80 14.17 7.45
C ILE C 112 -2.10 13.97 8.95
N VAL C 113 -1.87 15.01 9.74
CA VAL C 113 -2.01 14.92 11.15
C VAL C 113 -3.04 15.97 11.52
N SER C 114 -4.06 15.54 12.27
CA SER C 114 -5.10 16.44 12.82
C SER C 114 -5.22 16.33 14.32
N ASN C 115 -6.02 17.21 14.92
CA ASN C 115 -6.39 17.19 16.35
C ASN C 115 -7.78 16.58 16.76
N CYS D 1 30.93 2.41 -9.58
CA CYS D 1 30.10 2.65 -8.33
C CYS D 1 28.68 2.09 -8.41
N PRO D 2 28.41 0.92 -7.79
CA PRO D 2 27.15 0.22 -7.99
C PRO D 2 25.98 0.65 -7.11
N LEU D 3 26.22 1.50 -6.10
CA LEU D 3 25.14 1.93 -5.21
C LEU D 3 25.34 3.39 -4.84
N MET D 4 24.48 4.26 -5.38
CA MET D 4 24.52 5.70 -5.11
C MET D 4 23.23 6.11 -4.45
N VAL D 5 23.29 7.24 -3.75
CA VAL D 5 22.09 7.92 -3.31
C VAL D 5 22.18 9.37 -3.78
N LYS D 6 21.02 9.98 -3.97
CA LYS D 6 20.91 11.37 -4.35
C LYS D 6 19.75 11.86 -3.47
N VAL D 7 19.99 12.84 -2.61
CA VAL D 7 18.96 13.33 -1.68
C VAL D 7 18.72 14.80 -1.91
N LEU D 8 17.46 15.15 -2.10
CA LEU D 8 17.01 16.52 -2.36
C LEU D 8 16.07 16.97 -1.27
N ASP D 9 16.13 18.27 -0.98
CA ASP D 9 15.28 18.94 0.00
C ASP D 9 14.26 19.77 -0.80
N ALA D 10 12.98 19.42 -0.66
CA ALA D 10 11.90 20.02 -1.38
C ALA D 10 11.47 21.33 -0.86
N VAL D 11 11.89 21.66 0.34
CA VAL D 11 11.64 22.97 0.91
C VAL D 11 12.60 24.02 0.33
N ARG D 12 13.87 23.69 0.14
CA ARG D 12 14.92 24.65 -0.31
C ARG D 12 15.16 24.59 -1.83
N GLY D 13 14.79 23.48 -2.47
CA GLY D 13 15.21 23.25 -3.85
C GLY D 13 16.71 23.14 -3.99
N ARG D 14 17.32 22.43 -3.06
CA ARG D 14 18.79 22.26 -2.92
C ARG D 14 19.04 20.79 -2.58
N PRO D 15 20.22 20.25 -2.94
CA PRO D 15 20.63 18.95 -2.45
C PRO D 15 20.63 18.99 -0.91
N ALA D 16 20.22 17.90 -0.27
CA ALA D 16 20.23 17.77 1.20
C ALA D 16 21.61 17.30 1.64
N VAL D 17 22.33 18.19 2.32
CA VAL D 17 23.71 17.98 2.76
C VAL D 17 23.71 17.45 4.16
N ASN D 18 24.69 16.60 4.48
CA ASN D 18 24.80 15.94 5.78
C ASN D 18 23.62 15.15 6.24
N VAL D 19 23.03 14.37 5.35
CA VAL D 19 22.06 13.36 5.73
C VAL D 19 22.86 12.09 6.03
N ASP D 20 22.69 11.57 7.23
CA ASP D 20 23.35 10.33 7.64
C ASP D 20 22.63 9.22 6.89
N VAL D 21 23.41 8.35 6.25
CA VAL D 21 22.91 7.21 5.50
C VAL D 21 23.62 5.94 5.95
N LYS D 22 22.84 4.91 6.22
CA LYS D 22 23.33 3.59 6.54
C LYS D 22 22.75 2.61 5.56
N VAL D 23 23.57 1.65 5.12
CA VAL D 23 23.09 0.56 4.31
C VAL D 23 23.24 -0.71 5.11
N PHE D 24 22.15 -1.47 5.21
CA PHE D 24 22.18 -2.78 5.84
C PHE D 24 21.95 -3.89 4.83
N LYS D 25 22.37 -5.10 5.21
CA LYS D 25 22.14 -6.29 4.39
C LYS D 25 21.59 -7.39 5.24
N LYS D 26 20.59 -8.08 4.70
CA LYS D 26 19.90 -9.15 5.43
C LYS D 26 20.77 -10.35 5.42
N THR D 27 20.79 -11.06 6.56
CA THR D 27 21.61 -12.26 6.76
C THR D 27 20.76 -13.51 6.76
N GLU D 28 21.41 -14.68 6.77
CA GLU D 28 20.70 -15.96 6.90
C GLU D 28 19.88 -16.05 8.19
N GLU D 29 20.35 -15.38 9.26
CA GLU D 29 19.65 -15.37 10.55
C GLU D 29 18.46 -14.45 10.57
N GLN D 30 18.14 -13.84 9.41
CA GLN D 30 16.98 -12.96 9.28
C GLN D 30 17.13 -11.65 10.05
N THR D 31 18.36 -11.11 10.10
CA THR D 31 18.64 -9.87 10.80
C THR D 31 19.33 -8.95 9.87
N TRP D 32 19.31 -7.66 10.19
CA TRP D 32 19.99 -6.63 9.40
C TRP D 32 21.40 -6.42 9.92
N GLU D 33 22.40 -6.65 9.09
CA GLU D 33 23.78 -6.35 9.45
C GLU D 33 24.26 -5.10 8.70
N LEU D 34 24.90 -4.17 9.41
CA LEU D 34 25.38 -2.92 8.81
C LEU D 34 26.42 -3.22 7.71
N PHE D 35 26.22 -2.68 6.52
CA PHE D 35 27.01 -3.01 5.34
C PHE D 35 27.88 -1.81 4.85
N ALA D 36 27.39 -0.58 5.04
CA ALA D 36 28.01 0.65 4.55
C ALA D 36 27.35 1.84 5.19
N ALA D 37 28.01 3.00 5.13
CA ALA D 37 27.54 4.20 5.79
C ALA D 37 28.21 5.42 5.24
N GLY D 38 27.51 6.55 5.27
CA GLY D 38 28.09 7.81 4.87
C GLY D 38 27.23 9.01 5.21
N LYS D 39 27.67 10.19 4.78
CA LYS D 39 26.93 11.41 4.91
C LYS D 39 26.88 12.06 3.56
N THR D 40 25.71 12.54 3.15
CA THR D 40 25.60 13.22 1.86
C THR D 40 26.50 14.44 1.80
N ASN D 41 27.19 14.60 0.68
CA ASN D 41 28.02 15.76 0.39
C ASN D 41 27.17 16.98 -0.07
N ASP D 42 27.84 18.02 -0.56
CA ASP D 42 27.25 19.26 -1.09
C ASP D 42 26.24 19.06 -2.21
N ASN D 43 26.30 17.94 -2.92
CA ASN D 43 25.35 17.55 -3.96
C ASN D 43 24.33 16.55 -3.53
N GLY D 44 24.25 16.28 -2.23
CA GLY D 44 23.32 15.32 -1.71
C GLY D 44 23.63 13.89 -2.15
N GLU D 45 24.87 13.62 -2.51
CA GLU D 45 25.29 12.30 -2.99
C GLU D 45 26.26 11.68 -2.01
N ILE D 46 26.16 10.37 -1.89
CA ILE D 46 27.27 9.58 -1.39
C ILE D 46 27.62 8.68 -2.54
N HIS D 47 28.91 8.57 -2.77
CA HIS D 47 29.53 8.10 -4.01
C HIS D 47 30.08 6.64 -3.82
N GLU D 48 31.26 6.55 -3.19
CA GLU D 48 31.95 5.33 -2.82
C GLU D 48 31.32 4.67 -1.58
N LEU D 49 30.07 4.28 -1.71
CA LEU D 49 29.31 3.65 -0.64
C LEU D 49 29.74 2.18 -0.50
N THR D 50 29.85 1.52 -1.65
CA THR D 50 30.41 0.16 -1.73
C THR D 50 31.10 0.00 -3.09
N THR D 51 31.38 -1.26 -3.46
CA THR D 51 32.18 -1.62 -4.64
C THR D 51 31.56 -2.88 -5.29
N ASP D 52 31.74 -3.05 -6.59
CA ASP D 52 31.21 -4.25 -7.28
C ASP D 52 31.64 -5.53 -6.55
N ASP D 53 32.89 -5.59 -6.06
CA ASP D 53 33.40 -6.73 -5.30
C ASP D 53 32.68 -7.06 -3.99
N LYS D 54 32.42 -6.06 -3.15
CA LYS D 54 31.75 -6.25 -1.88
C LYS D 54 30.22 -6.42 -1.98
N PHE D 55 29.63 -5.98 -3.09
CA PHE D 55 28.16 -5.78 -3.26
C PHE D 55 27.52 -6.92 -4.07
N GLY D 56 27.14 -7.99 -3.37
CA GLY D 56 26.62 -9.15 -4.05
C GLY D 56 25.12 -9.18 -4.02
N GLU D 57 24.57 -10.35 -4.37
CA GLU D 57 23.17 -10.61 -4.33
C GLU D 57 22.70 -10.51 -2.89
N GLY D 58 21.47 -10.02 -2.70
CA GLY D 58 20.86 -10.04 -1.40
C GLY D 58 19.81 -8.99 -1.29
N LEU D 59 19.27 -8.92 -0.06
CA LEU D 59 18.27 -7.97 0.36
C LEU D 59 18.95 -6.85 1.18
N TYR D 60 18.82 -5.62 0.69
CA TYR D 60 19.49 -4.43 1.27
C TYR D 60 18.45 -3.42 1.75
N LYS D 61 18.84 -2.63 2.75
CA LYS D 61 18.04 -1.55 3.28
C LYS D 61 18.92 -0.33 3.36
N VAL D 62 18.52 0.73 2.64
CA VAL D 62 19.17 2.03 2.69
C VAL D 62 18.35 2.95 3.57
N GLU D 63 18.95 3.44 4.66
CA GLU D 63 18.24 4.22 5.67
C GLU D 63 18.77 5.65 5.73
N PHE D 64 17.88 6.61 5.53
CA PHE D 64 18.21 8.01 5.64
C PHE D 64 17.76 8.54 6.98
N ASP D 65 18.67 9.18 7.72
CA ASP D 65 18.31 9.75 9.02
C ASP D 65 17.69 11.16 8.83
N THR D 66 16.41 11.17 8.52
CA THR D 66 15.72 12.40 8.15
C THR D 66 15.43 13.25 9.36
N ILE D 67 15.16 12.61 10.51
CA ILE D 67 14.83 13.37 11.71
C ILE D 67 15.98 14.29 12.17
N SER D 68 17.21 13.81 12.10
CA SER D 68 18.37 14.65 12.44
C SER D 68 18.55 15.75 11.42
N TYR D 69 18.33 15.43 10.15
CA TYR D 69 18.51 16.42 9.06
C TYR D 69 17.62 17.62 9.38
N TRP D 70 16.32 17.37 9.61
CA TRP D 70 15.37 18.42 9.81
C TRP D 70 15.57 19.15 11.14
N LYS D 71 15.74 18.39 12.23
CA LYS D 71 15.93 18.98 13.53
C LYS D 71 17.08 20.01 13.55
N ALA D 72 18.18 19.65 12.87
CA ALA D 72 19.32 20.55 12.69
C ALA D 72 18.99 21.83 11.93
N LEU D 73 17.92 21.84 11.15
CA LEU D 73 17.45 23.04 10.48
C LEU D 73 16.29 23.69 11.21
N GLY D 74 16.02 23.21 12.42
CA GLY D 74 14.97 23.84 13.23
C GLY D 74 13.60 23.33 12.92
N VAL D 75 13.51 22.19 12.24
CA VAL D 75 12.18 21.67 11.83
C VAL D 75 11.87 20.43 12.64
N SER D 76 10.64 20.32 13.15
CA SER D 76 10.23 19.09 13.86
C SER D 76 9.51 18.20 12.84
N PRO D 77 10.16 17.14 12.32
CA PRO D 77 9.55 16.34 11.28
C PRO D 77 8.64 15.21 11.74
N PHE D 78 8.03 14.51 10.79
CA PHE D 78 7.10 13.42 11.12
C PHE D 78 7.83 12.08 11.21
N HIS D 79 8.65 11.76 10.21
CA HIS D 79 9.25 10.44 10.16
C HIS D 79 10.45 10.37 11.07
N GLU D 80 10.65 9.23 11.75
CA GLU D 80 11.92 8.98 12.44
C GLU D 80 13.05 8.87 11.47
N TYR D 81 12.80 8.14 10.39
CA TYR D 81 13.77 7.93 9.28
C TYR D 81 13.01 7.49 8.04
N ALA D 82 13.71 7.29 6.93
CA ALA D 82 13.13 6.81 5.69
C ALA D 82 14.02 5.65 5.19
N ASP D 83 13.43 4.47 5.02
CA ASP D 83 14.05 3.21 4.58
C ASP D 83 13.71 2.98 3.14
N VAL D 84 14.64 2.38 2.41
CA VAL D 84 14.34 1.82 1.10
C VAL D 84 14.89 0.41 1.14
N VAL D 85 14.00 -0.56 0.99
CA VAL D 85 14.36 -1.96 1.00
C VAL D 85 14.12 -2.62 -0.36
N PHE D 86 15.11 -3.35 -0.84
CA PHE D 86 15.05 -3.96 -2.16
C PHE D 86 16.04 -5.10 -2.27
N THR D 87 15.72 -6.04 -3.17
CA THR D 87 16.61 -7.13 -3.54
C THR D 87 17.48 -6.64 -4.67
N ALA D 88 18.77 -6.96 -4.63
CA ALA D 88 19.74 -6.47 -5.60
C ALA D 88 20.58 -7.60 -6.12
N ASN D 89 20.91 -7.48 -7.42
CA ASN D 89 21.86 -8.34 -8.13
C ASN D 89 21.48 -9.82 -8.17
N ASP D 90 20.20 -10.10 -8.43
CA ASP D 90 19.67 -11.47 -8.45
C ASP D 90 19.33 -11.99 -9.86
N ALA D 91 19.40 -11.10 -10.85
CA ALA D 91 18.99 -11.34 -12.23
C ALA D 91 20.07 -10.68 -13.11
N GLY D 92 21.34 -10.85 -12.71
CA GLY D 92 22.42 -10.14 -13.37
C GLY D 92 22.78 -8.79 -12.72
N HIS D 93 24.02 -8.40 -12.96
CA HIS D 93 24.68 -7.31 -12.30
C HIS D 93 24.13 -6.01 -12.80
N ARG D 94 23.63 -5.18 -11.87
CA ARG D 94 23.05 -3.83 -12.12
C ARG D 94 23.73 -2.79 -11.22
N HIS D 95 23.54 -1.51 -11.56
CA HIS D 95 23.89 -0.37 -10.71
C HIS D 95 22.61 0.31 -10.28
N TYR D 96 22.58 0.76 -9.03
CA TYR D 96 21.37 1.28 -8.35
C TYR D 96 21.65 2.69 -7.85
N THR D 97 20.78 3.62 -8.20
CA THR D 97 20.76 4.93 -7.58
C THR D 97 19.41 5.01 -6.86
N ILE D 98 19.47 5.32 -5.56
CA ILE D 98 18.28 5.58 -4.74
C ILE D 98 18.15 7.08 -4.58
N ALA D 99 17.11 7.67 -5.18
CA ALA D 99 16.87 9.13 -5.11
C ALA D 99 15.78 9.35 -4.04
N ALA D 100 16.01 10.27 -3.12
CA ALA D 100 15.02 10.58 -2.12
C ALA D 100 14.75 12.06 -2.10
N LEU D 101 13.48 12.43 -2.06
CA LEU D 101 13.05 13.82 -1.96
C LEU D 101 12.43 14.00 -0.60
N LEU D 102 12.99 14.93 0.18
CA LEU D 102 12.56 15.14 1.58
C LEU D 102 11.72 16.39 1.76
N SER D 103 10.59 16.22 2.43
CA SER D 103 9.81 17.30 3.03
C SER D 103 9.57 16.92 4.48
N PRO D 104 9.28 17.88 5.39
CA PRO D 104 9.07 17.56 6.79
C PRO D 104 8.02 16.45 7.06
N TYR D 105 6.94 16.41 6.29
CA TYR D 105 5.83 15.45 6.49
C TYR D 105 5.66 14.55 5.27
N SER D 106 6.66 14.48 4.41
CA SER D 106 6.53 13.69 3.20
C SER D 106 7.84 13.23 2.73
N PHE D 107 7.85 12.04 2.13
CA PHE D 107 9.09 11.47 1.68
C PHE D 107 8.81 10.70 0.39
N SER D 108 9.69 10.86 -0.56
CA SER D 108 9.49 10.25 -1.83
C SER D 108 10.75 9.56 -2.25
N THR D 109 10.61 8.38 -2.83
CA THR D 109 11.80 7.68 -3.26
C THR D 109 11.65 7.03 -4.60
N THR D 110 12.71 7.11 -5.40
CA THR D 110 12.77 6.54 -6.74
C THR D 110 14.04 5.78 -6.92
N ALA D 111 13.95 4.61 -7.56
CA ALA D 111 15.12 3.84 -7.91
C ALA D 111 15.39 3.97 -9.40
N ILE D 112 16.66 4.25 -9.73
CA ILE D 112 17.17 4.22 -11.11
C ILE D 112 18.13 3.05 -11.21
N VAL D 113 17.85 2.14 -12.12
CA VAL D 113 18.61 0.89 -12.21
C VAL D 113 19.12 0.85 -13.61
N SER D 114 20.44 0.69 -13.75
CA SER D 114 21.12 0.63 -15.06
C SER D 114 21.91 -0.63 -15.22
N ASN D 115 22.20 -0.92 -16.49
CA ASN D 115 22.90 -2.13 -16.84
C ASN D 115 24.25 -1.68 -17.37
N PRO D 116 25.31 -1.76 -16.54
CA PRO D 116 26.65 -1.34 -16.96
C PRO D 116 27.10 -2.13 -18.20
N THR D 117 26.21 -2.29 -19.17
CA THR D 117 26.16 -3.32 -20.22
C THR D 117 26.82 -4.72 -19.89
N CYS E 1 -34.66 -28.85 1.42
CA CYS E 1 -33.75 -28.49 2.57
C CYS E 1 -32.35 -28.07 2.13
N PRO E 2 -32.07 -26.74 2.08
CA PRO E 2 -30.91 -26.22 1.37
C PRO E 2 -29.58 -26.20 2.14
N LEU E 3 -29.59 -26.51 3.44
CA LEU E 3 -28.37 -26.56 4.23
C LEU E 3 -28.40 -27.75 5.18
N MET E 4 -27.59 -28.76 4.87
CA MET E 4 -27.51 -30.01 5.65
C MET E 4 -26.12 -30.17 6.18
N VAL E 5 -25.99 -30.89 7.28
CA VAL E 5 -24.70 -31.25 7.82
C VAL E 5 -24.71 -32.75 8.06
N LYS E 6 -23.54 -33.35 8.00
CA LYS E 6 -23.38 -34.79 8.15
C LYS E 6 -22.09 -34.88 8.93
N VAL E 7 -22.13 -35.44 10.14
CA VAL E 7 -20.95 -35.49 11.01
C VAL E 7 -20.63 -36.94 11.35
N LEU E 8 -19.37 -37.33 11.11
CA LEU E 8 -18.89 -38.66 11.37
C LEU E 8 -17.77 -38.62 12.38
N ASP E 9 -17.68 -39.70 13.17
CA ASP E 9 -16.66 -39.90 14.20
C ASP E 9 -15.70 -40.95 13.70
N ALA E 10 -14.44 -40.53 13.49
CA ALA E 10 -13.39 -41.36 12.92
C ALA E 10 -12.78 -42.30 13.90
N VAL E 11 -13.04 -42.09 15.20
CA VAL E 11 -12.60 -43.02 16.20
C VAL E 11 -13.49 -44.25 16.26
N ARG E 12 -14.82 -44.06 16.17
CA ARG E 12 -15.82 -45.12 16.45
C ARG E 12 -16.38 -45.68 15.13
N GLY E 13 -16.18 -45.00 14.02
CA GLY E 13 -16.74 -45.45 12.77
C GLY E 13 -18.24 -45.41 12.76
N ARG E 14 -18.80 -44.34 13.35
CA ARG E 14 -20.26 -44.14 13.57
C ARG E 14 -20.57 -42.70 13.26
N PRO E 15 -21.81 -42.37 12.87
CA PRO E 15 -22.24 -40.97 12.81
C PRO E 15 -22.05 -40.37 14.21
N ALA E 16 -21.66 -39.09 14.30
CA ALA E 16 -21.52 -38.39 15.55
C ALA E 16 -22.85 -37.82 15.99
N VAL E 17 -23.41 -38.36 17.07
CA VAL E 17 -24.72 -38.03 17.57
C VAL E 17 -24.59 -36.96 18.65
N ASN E 18 -25.60 -36.09 18.75
CA ASN E 18 -25.59 -34.96 19.68
C ASN E 18 -24.44 -34.00 19.62
N VAL E 19 -24.07 -33.64 18.40
CA VAL E 19 -23.12 -32.55 18.19
C VAL E 19 -23.95 -31.30 18.06
N ASP E 20 -23.66 -30.32 18.94
CA ASP E 20 -24.36 -29.03 18.88
C ASP E 20 -23.83 -28.34 17.65
N VAL E 21 -24.75 -27.82 16.83
CA VAL E 21 -24.43 -27.07 15.63
C VAL E 21 -25.17 -25.74 15.65
N LYS E 22 -24.41 -24.67 15.42
CA LYS E 22 -24.95 -23.35 15.24
C LYS E 22 -24.54 -22.83 13.88
N VAL E 23 -25.47 -22.16 13.20
CA VAL E 23 -25.17 -21.47 11.98
C VAL E 23 -25.34 -20.00 12.24
N PHE E 24 -24.31 -19.22 11.89
CA PHE E 24 -24.37 -17.76 11.95
C PHE E 24 -24.34 -17.15 10.56
N LYS E 25 -24.81 -15.91 10.46
CA LYS E 25 -24.77 -15.16 9.23
C LYS E 25 -24.19 -13.80 9.49
N LYS E 26 -23.30 -13.36 8.58
CA LYS E 26 -22.61 -12.10 8.71
C LYS E 26 -23.57 -11.00 8.38
N THR E 27 -23.50 -9.90 9.13
CA THR E 27 -24.36 -8.74 8.97
C THR E 27 -23.61 -7.58 8.35
N GLU E 28 -24.35 -6.52 7.99
CA GLU E 28 -23.74 -5.31 7.47
C GLU E 28 -22.77 -4.67 8.49
N GLU E 29 -23.05 -4.85 9.79
CA GLU E 29 -22.19 -4.31 10.86
C GLU E 29 -20.93 -5.15 11.06
N GLN E 30 -20.72 -6.17 10.23
CA GLN E 30 -19.55 -7.03 10.31
C GLN E 30 -19.51 -7.88 11.59
N THR E 31 -20.67 -8.38 12.02
CA THR E 31 -20.77 -9.25 13.19
C THR E 31 -21.49 -10.51 12.77
N TRP E 32 -21.32 -11.57 13.57
CA TRP E 32 -22.00 -12.82 13.34
C TRP E 32 -23.31 -12.90 14.10
N GLU E 33 -24.43 -13.02 13.40
CA GLU E 33 -25.73 -13.17 14.06
C GLU E 33 -26.25 -14.60 13.90
N LEU E 34 -26.76 -15.19 14.99
CA LEU E 34 -27.23 -16.58 14.99
C LEU E 34 -28.39 -16.77 14.02
N PHE E 35 -28.29 -17.74 13.13
CA PHE E 35 -29.21 -17.92 12.02
C PHE E 35 -30.04 -19.23 12.15
N ALA E 36 -29.43 -20.27 12.72
CA ALA E 36 -30.00 -21.62 12.83
C ALA E 36 -29.22 -22.42 13.83
N ALA E 37 -29.86 -23.47 14.36
CA ALA E 37 -29.23 -24.30 15.38
C ALA E 37 -29.86 -25.65 15.47
N GLY E 38 -29.08 -26.64 15.87
CA GLY E 38 -29.61 -27.98 16.06
C GLY E 38 -28.62 -28.91 16.73
N LYS E 39 -29.03 -30.15 16.86
CA LYS E 39 -28.19 -31.21 17.37
C LYS E 39 -28.25 -32.36 16.39
N THR E 40 -27.09 -32.94 16.05
CA THR E 40 -27.10 -34.09 15.14
C THR E 40 -27.89 -35.24 15.73
N ASN E 41 -28.71 -35.86 14.87
CA ASN E 41 -29.46 -37.05 15.18
C ASN E 41 -28.58 -38.32 15.13
N ASP E 42 -29.23 -39.48 15.18
CA ASP E 42 -28.63 -40.82 15.14
C ASP E 42 -27.76 -41.09 13.93
N ASN E 43 -28.00 -40.35 12.83
CA ASN E 43 -27.22 -40.41 11.59
C ASN E 43 -26.27 -39.30 11.41
N GLY E 44 -26.05 -38.53 12.47
CA GLY E 44 -25.12 -37.41 12.42
C GLY E 44 -25.59 -36.29 11.51
N GLU E 45 -26.89 -36.21 11.25
CA GLU E 45 -27.47 -35.21 10.38
C GLU E 45 -28.35 -34.26 11.16
N ILE E 46 -28.32 -33.02 10.73
CA ILE E 46 -29.40 -32.10 11.02
C ILE E 46 -29.93 -31.77 9.62
N HIS E 47 -31.25 -31.76 9.57
CA HIS E 47 -32.06 -31.80 8.37
C HIS E 47 -32.67 -30.38 8.08
N GLU E 48 -33.75 -30.07 8.83
CA GLU E 48 -34.51 -28.84 8.73
C GLU E 48 -33.82 -27.71 9.51
N LEU E 49 -32.62 -27.37 9.07
CA LEU E 49 -31.81 -26.35 9.70
C LEU E 49 -32.31 -24.97 9.27
N THR E 50 -32.63 -24.83 7.97
CA THR E 50 -33.28 -23.63 7.45
C THR E 50 -34.20 -24.01 6.29
N THR E 51 -34.60 -23.02 5.49
CA THR E 51 -35.58 -23.17 4.41
C THR E 51 -35.13 -22.31 3.22
N ASP E 52 -35.52 -22.71 2.00
CA ASP E 52 -35.15 -21.94 0.80
C ASP E 52 -35.52 -20.45 0.97
N ASP E 53 -36.68 -20.17 1.58
CA ASP E 53 -37.15 -18.79 1.84
C ASP E 53 -36.25 -17.96 2.78
N LYS E 54 -35.86 -18.53 3.93
CA LYS E 54 -35.06 -17.83 4.92
C LYS E 54 -33.55 -17.74 4.56
N PHE E 55 -33.09 -18.59 3.63
CA PHE E 55 -31.65 -18.80 3.33
C PHE E 55 -31.21 -18.07 2.06
N GLY E 56 -30.82 -16.81 2.21
CA GLY E 56 -30.51 -15.96 1.08
C GLY E 56 -29.02 -15.88 0.88
N GLU E 57 -28.63 -14.97 0.00
CA GLU E 57 -27.25 -14.70 -0.31
C GLU E 57 -26.56 -14.20 0.93
N GLY E 58 -25.28 -14.56 1.09
CA GLY E 58 -24.44 -13.97 2.11
C GLY E 58 -23.40 -14.91 2.63
N LEU E 59 -22.78 -14.50 3.73
CA LEU E 59 -21.67 -15.19 4.34
C LEU E 59 -22.13 -15.88 5.61
N TYR E 60 -21.96 -17.21 5.64
CA TYR E 60 -22.45 -18.07 6.76
C TYR E 60 -21.27 -18.78 7.42
N LYS E 61 -21.44 -19.09 8.70
CA LYS E 61 -20.47 -19.82 9.50
C LYS E 61 -21.24 -20.92 10.21
N VAL E 62 -20.86 -22.17 9.92
CA VAL E 62 -21.39 -23.35 10.56
C VAL E 62 -20.40 -23.82 11.60
N GLU E 63 -20.84 -23.84 12.87
CA GLU E 63 -19.98 -24.19 13.98
C GLU E 63 -20.40 -25.48 14.65
N PHE E 64 -19.47 -26.44 14.71
CA PHE E 64 -19.67 -27.70 15.41
C PHE E 64 -19.03 -27.63 16.77
N ASP E 65 -19.79 -27.94 17.83
CA ASP E 65 -19.23 -27.92 19.19
C ASP E 65 -18.54 -29.25 19.49
N THR E 66 -17.29 -29.37 19.03
CA THR E 66 -16.56 -30.62 19.09
C THR E 66 -16.09 -30.91 20.48
N ILE E 67 -15.71 -29.87 21.23
CA ILE E 67 -15.15 -30.09 22.56
C ILE E 67 -16.19 -30.74 23.53
N SER E 68 -17.45 -30.35 23.45
CA SER E 68 -18.50 -31.00 24.24
C SER E 68 -18.72 -32.43 23.80
N TYR E 69 -18.70 -32.64 22.49
CA TYR E 69 -18.91 -33.98 21.91
C TYR E 69 -17.89 -34.94 22.53
N TRP E 70 -16.61 -34.58 22.45
CA TRP E 70 -15.53 -35.43 22.89
C TRP E 70 -15.49 -35.57 24.40
N LYS E 71 -15.58 -34.45 25.12
CA LYS E 71 -15.55 -34.50 26.59
C LYS E 71 -16.60 -35.48 27.14
N ALA E 72 -17.79 -35.46 26.56
CA ALA E 72 -18.87 -36.38 26.93
C ALA E 72 -18.54 -37.84 26.67
N LEU E 73 -17.57 -38.12 25.80
CA LEU E 73 -17.09 -39.47 25.56
C LEU E 73 -15.80 -39.75 26.31
N GLY E 74 -15.48 -38.88 27.26
CA GLY E 74 -14.28 -38.99 28.06
C GLY E 74 -12.99 -38.71 27.33
N VAL E 75 -13.04 -37.95 26.24
CA VAL E 75 -11.86 -37.59 25.52
C VAL E 75 -11.59 -36.12 25.72
N SER E 76 -10.31 -35.79 25.83
CA SER E 76 -9.86 -34.42 25.97
C SER E 76 -9.25 -34.01 24.63
N PRO E 77 -10.02 -33.33 23.76
CA PRO E 77 -9.61 -33.07 22.38
C PRO E 77 -8.78 -31.81 22.25
N PHE E 78 -8.37 -31.47 21.03
CA PHE E 78 -7.54 -30.30 20.79
C PHE E 78 -8.29 -29.01 20.52
N HIS E 79 -9.27 -29.07 19.63
CA HIS E 79 -9.99 -27.89 19.12
CA HIS E 79 -10.02 -27.95 19.08
C HIS E 79 -11.06 -27.51 20.09
N GLU E 80 -11.27 -26.18 20.26
CA GLU E 80 -12.44 -25.69 21.02
C GLU E 80 -13.70 -26.05 20.27
N TYR E 81 -13.68 -25.83 18.96
CA TYR E 81 -14.81 -26.14 18.05
C TYR E 81 -14.27 -26.19 16.62
N ALA E 82 -15.16 -26.44 15.65
CA ALA E 82 -14.78 -26.46 14.25
C ALA E 82 -15.78 -25.61 13.48
N ASP E 83 -15.26 -24.59 12.78
CA ASP E 83 -15.99 -23.61 11.95
C ASP E 83 -15.91 -24.00 10.49
N VAL E 84 -16.95 -23.71 9.74
CA VAL E 84 -16.90 -23.72 8.30
C VAL E 84 -17.52 -22.44 7.85
N VAL E 85 -16.75 -21.60 7.17
CA VAL E 85 -17.21 -20.31 6.67
C VAL E 85 -17.23 -20.28 5.16
N PHE E 86 -18.35 -19.82 4.60
CA PHE E 86 -18.51 -19.81 3.15
C PHE E 86 -19.58 -18.84 2.74
N THR E 87 -19.45 -18.35 1.50
CA THR E 87 -20.43 -17.52 0.86
C THR E 87 -21.40 -18.43 0.16
N ALA E 88 -22.71 -18.12 0.26
CA ALA E 88 -23.76 -18.93 -0.29
C ALA E 88 -24.70 -18.14 -1.14
N ASN E 89 -25.19 -18.80 -2.20
CA ASN E 89 -26.32 -18.35 -3.02
C ASN E 89 -26.09 -17.02 -3.75
N ASP E 90 -24.89 -16.85 -4.30
CA ASP E 90 -24.53 -15.61 -5.01
C ASP E 90 -24.39 -15.80 -6.52
N ALA E 91 -24.50 -17.05 -6.99
CA ALA E 91 -24.39 -17.39 -8.42
C ALA E 91 -25.57 -18.30 -8.80
N GLY E 92 -26.73 -18.02 -8.21
CA GLY E 92 -27.86 -18.90 -8.36
C GLY E 92 -28.03 -19.87 -7.21
N HIS E 93 -29.27 -20.39 -7.13
CA HIS E 93 -29.78 -21.12 -6.02
C HIS E 93 -29.10 -22.50 -5.98
N ARG E 94 -28.48 -22.81 -4.84
CA ARG E 94 -27.79 -24.10 -4.58
C ARG E 94 -28.29 -24.71 -3.27
N HIS E 95 -28.03 -26.01 -3.10
CA HIS E 95 -28.13 -26.71 -1.83
C HIS E 95 -26.72 -27.09 -1.41
N TYR E 96 -26.48 -27.02 -0.11
CA TYR E 96 -25.15 -27.20 0.52
C TYR E 96 -25.26 -28.30 1.56
N THR E 97 -24.37 -29.28 1.48
CA THR E 97 -24.17 -30.23 2.52
C THR E 97 -22.75 -30.03 3.03
N ILE E 98 -22.62 -29.78 4.35
CA ILE E 98 -21.32 -29.66 5.01
C ILE E 98 -21.05 -30.96 5.76
N ALA E 99 -20.06 -31.72 5.30
CA ALA E 99 -19.67 -33.01 5.92
C ALA E 99 -18.45 -32.74 6.80
N ALA E 100 -18.47 -33.26 8.02
CA ALA E 100 -17.34 -33.11 8.90
C ALA E 100 -16.96 -34.46 9.46
N LEU E 101 -15.66 -34.74 9.47
CA LEU E 101 -15.10 -35.97 10.02
C LEU E 101 -14.31 -35.55 11.26
N LEU E 102 -14.67 -36.11 12.42
CA LEU E 102 -14.06 -35.72 13.70
C LEU E 102 -13.09 -36.78 14.25
N SER E 103 -11.90 -36.31 14.60
CA SER E 103 -10.96 -37.02 15.46
C SER E 103 -10.58 -36.07 16.59
N PRO E 104 -10.11 -36.58 17.74
CA PRO E 104 -9.72 -35.71 18.85
C PRO E 104 -8.72 -34.60 18.47
N TYR E 105 -7.76 -34.88 17.58
CA TYR E 105 -6.71 -33.89 17.22
C TYR E 105 -6.76 -33.55 15.73
N SER E 106 -7.88 -33.80 15.07
CA SER E 106 -7.97 -33.58 13.66
C SER E 106 -9.37 -33.40 13.24
N PHE E 107 -9.57 -32.59 12.22
CA PHE E 107 -10.88 -32.25 11.78
C PHE E 107 -10.83 -32.04 10.27
N SER E 108 -11.84 -32.56 9.61
CA SER E 108 -11.86 -32.53 8.19
C SER E 108 -13.23 -32.07 7.75
N THR E 109 -13.25 -31.21 6.72
CA THR E 109 -14.56 -30.81 6.24
C THR E 109 -14.65 -30.75 4.75
N THR E 110 -15.79 -31.21 4.22
CA THR E 110 -16.06 -31.20 2.80
C THR E 110 -17.41 -30.62 2.53
N ALA E 111 -17.48 -29.80 1.48
CA ALA E 111 -18.75 -29.25 1.02
C ALA E 111 -19.17 -29.95 -0.25
N ILE E 112 -20.44 -30.38 -0.29
CA ILE E 112 -21.11 -30.89 -1.49
C ILE E 112 -22.18 -29.90 -1.89
N VAL E 113 -22.08 -29.40 -3.12
CA VAL E 113 -22.95 -28.32 -3.57
C VAL E 113 -23.66 -28.85 -4.77
N SER E 114 -24.99 -28.79 -4.75
CA SER E 114 -25.87 -29.29 -5.82
C SER E 114 -26.83 -28.22 -6.31
N ASN E 115 -27.52 -28.52 -7.41
CA ASN E 115 -28.49 -27.63 -8.05
C ASN E 115 -30.01 -27.97 -7.87
N CYS F 1 10.93 -22.63 18.71
CA CYS F 1 9.73 -22.07 17.93
C CYS F 1 8.41 -22.79 18.21
N PRO F 2 7.56 -22.23 19.09
CA PRO F 2 6.46 -22.98 19.70
C PRO F 2 5.16 -23.06 18.91
N LEU F 3 5.05 -22.33 17.80
CA LEU F 3 3.84 -22.43 16.95
C LEU F 3 4.23 -22.43 15.49
N MET F 4 4.06 -23.57 14.82
CA MET F 4 4.40 -23.74 13.39
C MET F 4 3.14 -24.13 12.65
N VAL F 5 3.15 -23.85 11.36
CA VAL F 5 2.10 -24.31 10.48
C VAL F 5 2.77 -25.00 9.30
N LYS F 6 2.04 -25.93 8.70
CA LYS F 6 2.55 -26.69 7.57
C LYS F 6 1.34 -26.83 6.70
N VAL F 7 1.38 -26.30 5.48
CA VAL F 7 0.21 -26.25 4.60
C VAL F 7 0.54 -26.94 3.30
N LEU F 8 -0.31 -27.91 2.92
CA LEU F 8 -0.17 -28.72 1.73
C LEU F 8 -1.36 -28.50 0.82
N ASP F 9 -1.11 -28.60 -0.49
CA ASP F 9 -2.08 -28.47 -1.55
C ASP F 9 -2.30 -29.86 -2.15
N ALA F 10 -3.53 -30.37 -1.98
CA ALA F 10 -3.88 -31.72 -2.36
C ALA F 10 -4.15 -31.88 -3.84
N VAL F 11 -4.34 -30.74 -4.53
CA VAL F 11 -4.48 -30.77 -5.96
C VAL F 11 -3.12 -30.95 -6.66
N ARG F 12 -2.07 -30.29 -6.17
CA ARG F 12 -0.74 -30.24 -6.83
C ARG F 12 0.23 -31.27 -6.22
N GLY F 13 -0.04 -31.72 -5.01
CA GLY F 13 0.91 -32.54 -4.30
C GLY F 13 2.20 -31.79 -3.99
N ARG F 14 2.06 -30.53 -3.57
CA ARG F 14 3.15 -29.58 -3.26
C ARG F 14 2.79 -28.88 -1.96
N PRO F 15 3.78 -28.34 -1.23
CA PRO F 15 3.50 -27.38 -0.18
C PRO F 15 2.72 -26.20 -0.77
N ALA F 16 1.76 -25.64 -0.04
CA ALA F 16 1.04 -24.44 -0.41
C ALA F 16 1.83 -23.21 -0.03
N VAL F 17 2.33 -22.51 -1.06
CA VAL F 17 3.17 -21.32 -0.90
C VAL F 17 2.29 -20.08 -0.93
N ASN F 18 2.72 -19.06 -0.19
CA ASN F 18 2.01 -17.78 -0.05
C ASN F 18 0.58 -17.86 0.40
N VAL F 19 0.34 -18.67 1.43
CA VAL F 19 -0.92 -18.66 2.13
C VAL F 19 -0.76 -17.65 3.23
N ASP F 20 -1.63 -16.64 3.25
CA ASP F 20 -1.63 -15.64 4.31
C ASP F 20 -2.17 -16.37 5.56
N VAL F 21 -1.44 -16.25 6.67
CA VAL F 21 -1.87 -16.73 7.95
C VAL F 21 -1.82 -15.65 9.00
N LYS F 22 -2.94 -15.55 9.74
CA LYS F 22 -3.02 -14.69 10.89
C LYS F 22 -3.32 -15.50 12.14
N VAL F 23 -2.69 -15.13 13.24
CA VAL F 23 -2.96 -15.77 14.50
C VAL F 23 -3.56 -14.71 15.42
N PHE F 24 -4.70 -15.06 16.03
CA PHE F 24 -5.34 -14.21 17.02
C PHE F 24 -5.32 -14.86 18.40
N LYS F 25 -5.49 -14.04 19.43
CA LYS F 25 -5.61 -14.50 20.79
C LYS F 25 -6.80 -13.87 21.46
N LYS F 26 -7.56 -14.66 22.20
CA LYS F 26 -8.79 -14.18 22.86
C LYS F 26 -8.42 -13.36 24.05
N THR F 27 -9.15 -12.28 24.27
CA THR F 27 -8.93 -11.35 25.37
C THR F 27 -9.98 -11.51 26.45
N GLU F 28 -9.77 -10.82 27.59
CA GLU F 28 -10.77 -10.78 28.66
C GLU F 28 -12.10 -10.19 28.21
N GLU F 29 -12.06 -9.29 27.23
CA GLU F 29 -13.26 -8.64 26.70
C GLU F 29 -14.00 -9.54 25.72
N GLN F 30 -13.52 -10.78 25.54
CA GLN F 30 -14.15 -11.74 24.64
C GLN F 30 -14.06 -11.35 23.16
N THR F 31 -12.94 -10.77 22.76
CA THR F 31 -12.68 -10.38 21.37
C THR F 31 -11.39 -11.02 20.94
N TRP F 32 -11.21 -11.14 19.63
CA TRP F 32 -9.97 -11.66 19.08
C TRP F 32 -8.98 -10.55 18.79
N GLU F 33 -7.81 -10.58 19.44
CA GLU F 33 -6.77 -9.61 19.18
C GLU F 33 -5.64 -10.25 18.35
N LEU F 34 -5.20 -9.54 17.31
CA LEU F 34 -4.16 -10.01 16.41
C LEU F 34 -2.86 -10.25 17.16
N PHE F 35 -2.29 -11.45 17.00
CA PHE F 35 -1.14 -11.87 17.77
C PHE F 35 0.12 -12.06 16.92
N ALA F 36 -0.08 -12.53 15.68
CA ALA F 36 1.02 -12.90 14.77
C ALA F 36 0.49 -13.02 13.36
N ALA F 37 1.41 -12.96 12.39
CA ALA F 37 1.01 -13.06 10.97
C ALA F 37 2.18 -13.42 10.12
N GLY F 38 1.92 -14.18 9.04
CA GLY F 38 2.93 -14.47 8.06
C GLY F 38 2.38 -15.03 6.79
N LYS F 39 3.29 -15.44 5.90
CA LYS F 39 2.96 -16.06 4.64
C LYS F 39 3.77 -17.33 4.54
N THR F 40 3.13 -18.43 4.14
CA THR F 40 3.87 -19.69 3.98
C THR F 40 4.96 -19.54 2.94
N ASN F 41 6.13 -20.08 3.26
CA ASN F 41 7.27 -20.14 2.37
C ASN F 41 7.15 -21.30 1.36
N ASP F 42 8.24 -21.57 0.65
CA ASP F 42 8.36 -22.63 -0.35
C ASP F 42 8.02 -24.03 0.13
N ASN F 43 8.11 -24.26 1.44
CA ASN F 43 7.74 -25.52 2.10
C ASN F 43 6.42 -25.50 2.79
N GLY F 44 5.64 -24.45 2.55
CA GLY F 44 4.34 -24.31 3.17
C GLY F 44 4.42 -24.11 4.67
N GLU F 45 5.56 -23.62 5.17
CA GLU F 45 5.79 -23.41 6.58
C GLU F 45 5.91 -21.93 6.87
N ILE F 46 5.45 -21.55 8.06
CA ILE F 46 5.88 -20.31 8.65
C ILE F 46 6.68 -20.69 9.86
N HIS F 47 7.85 -20.03 9.90
CA HIS F 47 8.99 -20.34 10.72
C HIS F 47 9.10 -19.00 11.41
N GLU F 48 8.81 -19.04 12.71
CA GLU F 48 8.91 -17.91 13.65
C GLU F 48 7.62 -17.07 13.58
N LEU F 49 6.52 -17.71 13.98
CA LEU F 49 5.25 -17.05 14.11
C LEU F 49 5.23 -16.26 15.41
N THR F 50 5.75 -16.87 16.48
CA THR F 50 5.90 -16.23 17.78
C THR F 50 7.13 -16.82 18.50
N THR F 51 7.20 -16.66 19.83
CA THR F 51 8.38 -16.98 20.65
C THR F 51 7.89 -17.55 22.00
N ASP F 52 8.70 -18.42 22.61
CA ASP F 52 8.32 -19.02 23.90
C ASP F 52 7.88 -17.95 24.93
N ASP F 53 8.60 -16.83 24.98
CA ASP F 53 8.27 -15.69 25.84
C ASP F 53 6.92 -15.03 25.61
N LYS F 54 6.59 -14.70 24.37
CA LYS F 54 5.33 -14.04 24.02
C LYS F 54 4.10 -14.97 23.99
N PHE F 55 4.33 -16.28 23.89
CA PHE F 55 3.26 -17.29 23.66
C PHE F 55 2.84 -18.01 24.94
N GLY F 56 1.88 -17.42 25.65
CA GLY F 56 1.47 -17.94 26.94
C GLY F 56 0.20 -18.70 26.83
N GLU F 57 -0.39 -18.99 27.98
CA GLU F 57 -1.65 -19.69 28.07
C GLU F 57 -2.71 -18.84 27.43
N GLY F 58 -3.69 -19.48 26.80
CA GLY F 58 -4.89 -18.81 26.36
C GLY F 58 -5.48 -19.54 25.19
N LEU F 59 -6.52 -18.88 24.63
CA LEU F 59 -7.27 -19.36 23.51
C LEU F 59 -6.80 -18.65 22.22
N TYR F 60 -6.35 -19.42 21.24
CA TYR F 60 -5.77 -18.91 19.98
C TYR F 60 -6.60 -19.35 18.78
N LYS F 61 -6.56 -18.52 17.73
CA LYS F 61 -7.23 -18.83 16.44
C LYS F 61 -6.21 -18.66 15.32
N VAL F 62 -5.87 -19.73 14.61
CA VAL F 62 -4.97 -19.65 13.42
C VAL F 62 -5.85 -19.62 12.18
N GLU F 63 -5.82 -18.51 11.44
CA GLU F 63 -6.67 -18.36 10.23
C GLU F 63 -5.82 -18.49 8.96
N PHE F 64 -6.24 -19.35 8.04
CA PHE F 64 -5.54 -19.52 6.74
C PHE F 64 -6.41 -18.88 5.67
N ASP F 65 -5.86 -17.94 4.89
CA ASP F 65 -6.65 -17.23 3.87
C ASP F 65 -6.68 -18.10 2.57
N THR F 66 -7.58 -19.07 2.56
CA THR F 66 -7.60 -20.08 1.51
C THR F 66 -8.20 -19.50 0.23
N ILE F 67 -9.16 -18.60 0.36
CA ILE F 67 -9.81 -18.05 -0.83
C ILE F 67 -8.82 -17.26 -1.75
N SER F 68 -7.91 -16.49 -1.16
CA SER F 68 -6.88 -15.82 -1.94
C SER F 68 -5.92 -16.79 -2.56
N TYR F 69 -5.57 -17.84 -1.81
CA TYR F 69 -4.62 -18.86 -2.28
C TYR F 69 -5.16 -19.43 -3.59
N TRP F 70 -6.41 -19.91 -3.57
CA TRP F 70 -7.01 -20.55 -4.70
C TRP F 70 -7.27 -19.61 -5.85
N LYS F 71 -7.89 -18.45 -5.55
CA LYS F 71 -8.19 -17.47 -6.59
C LYS F 71 -6.95 -17.11 -7.43
N ALA F 72 -5.82 -16.94 -6.75
CA ALA F 72 -4.54 -16.66 -7.39
C ALA F 72 -4.08 -17.78 -8.31
N LEU F 73 -4.57 -19.01 -8.10
CA LEU F 73 -4.28 -20.13 -8.99
C LEU F 73 -5.42 -20.39 -9.95
N GLY F 74 -6.31 -19.40 -10.09
CA GLY F 74 -7.44 -19.46 -10.98
C GLY F 74 -8.52 -20.42 -10.59
N VAL F 75 -8.60 -20.76 -9.31
CA VAL F 75 -9.64 -21.65 -8.84
C VAL F 75 -10.61 -20.86 -7.98
N SER F 76 -11.87 -21.24 -8.10
CA SER F 76 -12.95 -20.60 -7.38
C SER F 76 -13.39 -21.56 -6.29
N PRO F 77 -12.89 -21.39 -5.05
CA PRO F 77 -13.06 -22.41 -4.01
C PRO F 77 -14.35 -22.22 -3.21
N PHE F 78 -14.61 -23.08 -2.25
CA PHE F 78 -15.80 -22.99 -1.42
C PHE F 78 -15.66 -22.09 -0.18
N HIS F 79 -14.60 -22.29 0.60
CA HIS F 79 -14.46 -21.64 1.91
C HIS F 79 -13.91 -20.24 1.77
N GLU F 80 -14.39 -19.32 2.60
CA GLU F 80 -13.78 -17.99 2.70
C GLU F 80 -12.42 -18.07 3.26
N TYR F 81 -12.28 -18.86 4.30
CA TYR F 81 -10.99 -19.13 4.99
C TYR F 81 -11.14 -20.41 5.81
N ALA F 82 -10.07 -20.81 6.49
CA ALA F 82 -10.10 -21.96 7.37
C ALA F 82 -9.43 -21.56 8.70
N ASP F 83 -10.19 -21.72 9.79
CA ASP F 83 -9.81 -21.36 11.17
C ASP F 83 -9.41 -22.64 11.90
N VAL F 84 -8.45 -22.53 12.81
CA VAL F 84 -8.22 -23.52 13.82
C VAL F 84 -8.21 -22.78 15.15
N VAL F 85 -9.15 -23.14 16.02
CA VAL F 85 -9.24 -22.58 17.34
C VAL F 85 -8.93 -23.63 18.42
N PHE F 86 -8.06 -23.26 19.36
CA PHE F 86 -7.64 -24.17 20.41
C PHE F 86 -7.07 -23.42 21.59
N THR F 87 -7.13 -24.04 22.77
CA THR F 87 -6.52 -23.57 23.97
C THR F 87 -5.11 -24.11 23.99
N ALA F 88 -4.14 -23.28 24.37
CA ALA F 88 -2.74 -23.65 24.38
C ALA F 88 -2.10 -23.33 25.71
N ASN F 89 -1.15 -24.17 26.08
CA ASN F 89 -0.23 -23.98 27.19
C ASN F 89 -0.90 -23.87 28.57
N ASP F 90 -1.90 -24.73 28.81
CA ASP F 90 -2.65 -24.74 30.05
C ASP F 90 -2.38 -25.98 30.95
N ALA F 91 -1.54 -26.88 30.47
CA ALA F 91 -1.07 -28.05 31.19
C ALA F 91 0.46 -28.08 31.16
N GLY F 92 1.10 -26.92 31.14
CA GLY F 92 2.52 -26.87 30.87
C GLY F 92 2.87 -26.59 29.42
N HIS F 93 4.12 -26.18 29.24
CA HIS F 93 4.64 -25.62 28.03
C HIS F 93 4.76 -26.71 26.98
N ARG F 94 4.11 -26.46 25.83
CA ARG F 94 4.09 -27.37 24.64
C ARG F 94 4.51 -26.60 23.39
N HIS F 95 4.88 -27.34 22.34
CA HIS F 95 5.03 -26.81 21.00
C HIS F 95 3.93 -27.38 20.14
N TYR F 96 3.40 -26.55 19.23
CA TYR F 96 2.23 -26.87 18.41
C TYR F 96 2.62 -26.72 16.95
N THR F 97 2.32 -27.74 16.13
CA THR F 97 2.29 -27.61 14.73
C THR F 97 0.82 -27.78 14.29
N ILE F 98 0.31 -26.82 13.52
CA ILE F 98 -0.98 -26.92 12.87
C ILE F 98 -0.75 -27.28 11.40
N ALA F 99 -1.13 -28.49 11.01
CA ALA F 99 -1.00 -28.98 9.62
C ALA F 99 -2.35 -28.80 8.91
N ALA F 100 -2.34 -28.22 7.72
CA ALA F 100 -3.57 -28.07 6.96
C ALA F 100 -3.39 -28.61 5.55
N LEU F 101 -4.38 -29.36 5.08
CA LEU F 101 -4.41 -29.91 3.72
C LEU F 101 -5.53 -29.21 2.99
N LEU F 102 -5.19 -28.55 1.88
CA LEU F 102 -6.16 -27.73 1.12
C LEU F 102 -6.60 -28.40 -0.17
N SER F 103 -7.91 -28.48 -0.37
CA SER F 103 -8.55 -28.74 -1.65
C SER F 103 -9.57 -27.63 -1.88
N PRO F 104 -9.98 -27.36 -3.13
CA PRO F 104 -10.95 -26.29 -3.39
C PRO F 104 -12.25 -26.38 -2.57
N TYR F 105 -12.78 -27.58 -2.34
CA TYR F 105 -14.06 -27.79 -1.63
C TYR F 105 -13.84 -28.63 -0.38
N SER F 106 -12.63 -28.70 0.13
CA SER F 106 -12.35 -29.50 1.30
C SER F 106 -11.16 -29.01 2.03
N PHE F 107 -11.16 -29.18 3.33
CA PHE F 107 -10.12 -28.65 4.14
C PHE F 107 -9.94 -29.61 5.33
N SER F 108 -8.68 -29.86 5.67
CA SER F 108 -8.41 -30.79 6.68
C SER F 108 -7.36 -30.23 7.59
N THR F 109 -7.50 -30.42 8.90
CA THR F 109 -6.49 -29.90 9.79
C THR F 109 -6.15 -30.83 10.94
N THR F 110 -4.86 -30.93 11.25
CA THR F 110 -4.32 -31.78 12.27
C THR F 110 -3.37 -31.03 13.15
N ALA F 111 -3.44 -31.30 14.46
CA ALA F 111 -2.51 -30.72 15.41
C ALA F 111 -1.52 -31.75 15.86
N ILE F 112 -0.23 -31.39 15.82
CA ILE F 112 0.86 -32.17 16.41
C ILE F 112 1.40 -31.40 17.61
N VAL F 113 1.36 -32.02 18.79
CA VAL F 113 1.73 -31.29 20.00
C VAL F 113 2.80 -32.06 20.68
N SER F 114 3.93 -31.42 20.99
CA SER F 114 5.10 -32.04 21.65
C SER F 114 5.51 -31.35 22.93
N ASN F 115 6.41 -32.00 23.66
CA ASN F 115 7.24 -31.43 24.75
C ASN F 115 6.91 -31.92 26.17
#